data_4PY7
#
_entry.id   4PY7
#
_cell.length_a   73.842
_cell.length_b   73.842
_cell.length_c   207.954
_cell.angle_alpha   90.00
_cell.angle_beta   90.00
_cell.angle_gamma   90.00
#
_symmetry.space_group_name_H-M   'P 43'
#
loop_
_entity.id
_entity.type
_entity.pdbx_description
1 polymer 'antibody 3.1 heavy chain'
2 polymer 'antibody 3.1 light chain'
#
loop_
_entity_poly.entity_id
_entity_poly.type
_entity_poly.pdbx_seq_one_letter_code
_entity_poly.pdbx_strand_id
1 'polypeptide(L)'
;QVQLVQSGGGVVQPGRSLRLSCAASEFTFRMYATHWVRQAPGKGLEWVALISYDGSNKYYADSVKGRFTISRDNSMNTVY
LQMNTLRPEDTAVYYCARDLGGYFIRGIMDVWGQGTLVTVSSASTKGPSVFPLAPSSGGTAALGCLVKDYFPEPVTVSWN
SGALTSGVHTFPAVLQSSGLYSLSSVVTVPSSSLGTQTYICNVNHKPSNTKVDKRVEPK
;
I,A
2 'polypeptide(L)'
;ELQMTQSPSSVSASVGDRVTITCRASQGISSWLAWYQQKPGKAPKLLIYAASSLQSGVPSRFSGSGSGTDFTLTISSLQP
EDFATYYCQQANSFPLTFGGGTKVEIKRTVAAPSVFIFPPSDEQLKSGTASVVCLLNNFYPREAKVQWKVDNALQSGNSQ
ESVTEQDSKDSTYSLSSTLTLSKADYEKHKVYACEVTHQGLSSPVTKSFNRGEC
;
J,B
#
# COMPACT_ATOMS: atom_id res chain seq x y z
N GLN A 1 14.99 13.32 35.54
CA GLN A 1 14.68 14.73 35.87
C GLN A 1 14.70 15.64 34.60
N VAL A 2 15.60 15.34 33.66
CA VAL A 2 15.57 15.90 32.29
C VAL A 2 14.17 15.72 31.62
N GLN A 3 13.62 16.81 31.10
CA GLN A 3 12.22 16.87 30.68
C GLN A 3 11.90 18.13 29.87
N LEU A 4 10.92 18.02 28.97
CA LEU A 4 10.47 19.18 28.25
C LEU A 4 9.11 19.54 28.81
N VAL A 5 8.91 20.83 29.09
CA VAL A 5 7.68 21.27 29.73
C VAL A 5 6.86 22.17 28.79
N GLN A 6 5.77 21.61 28.29
CA GLN A 6 4.97 22.26 27.29
C GLN A 6 3.91 23.06 27.96
N SER A 7 3.28 23.90 27.15
CA SER A 7 2.37 24.88 27.62
C SER A 7 1.63 25.46 26.41
N GLY A 8 0.39 25.88 26.63
CA GLY A 8 -0.29 26.79 25.71
C GLY A 8 -1.19 26.31 24.59
N GLY A 9 -1.88 25.18 24.77
CA GLY A 9 -2.80 24.72 23.75
C GLY A 9 -4.19 25.30 23.90
N GLY A 10 -5.20 24.50 23.58
CA GLY A 10 -6.62 24.90 23.71
C GLY A 10 -7.50 24.85 22.48
N VAL A 11 -8.64 25.52 22.59
CA VAL A 11 -9.67 25.45 21.57
C VAL A 11 -9.65 26.75 20.75
N VAL A 12 -9.60 26.61 19.44
CA VAL A 12 -9.50 27.77 18.57
C VAL A 12 -10.26 27.53 17.27
N GLN A 13 -10.89 28.59 16.76
CA GLN A 13 -11.72 28.51 15.56
C GLN A 13 -10.89 28.59 14.30
N PRO A 14 -11.39 28.06 13.17
CA PRO A 14 -10.63 28.05 11.91
C PRO A 14 -10.23 29.44 11.48
N GLY A 15 -9.02 29.56 10.93
CA GLY A 15 -8.49 30.84 10.47
C GLY A 15 -7.67 31.58 11.52
N ARG A 16 -7.95 31.25 12.79
CA ARG A 16 -7.33 31.91 13.94
C ARG A 16 -5.97 31.29 14.28
N SER A 17 -5.33 31.83 15.32
CA SER A 17 -3.96 31.47 15.68
C SER A 17 -3.80 31.11 17.15
N LEU A 18 -2.80 30.27 17.40
CA LEU A 18 -2.47 29.81 18.72
C LEU A 18 -0.95 29.78 18.77
N ARG A 19 -0.38 29.87 19.95
CA ARG A 19 1.07 29.78 20.12
C ARG A 19 1.36 28.70 21.16
N LEU A 20 2.20 27.73 20.82
CA LEU A 20 2.66 26.74 21.78
C LEU A 20 4.08 27.05 22.28
N SER A 21 4.36 26.68 23.51
CA SER A 21 5.67 26.93 24.08
C SER A 21 6.18 25.64 24.73
N CYS A 22 7.50 25.50 24.75
CA CYS A 22 8.15 24.29 25.20
C CYS A 22 9.40 24.69 26.00
N ALA A 23 9.36 24.50 27.31
CA ALA A 23 10.47 24.93 28.16
C ALA A 23 11.34 23.79 28.72
N ALA A 24 12.65 23.94 28.54
CA ALA A 24 13.64 22.97 29.05
C ALA A 24 13.81 22.97 30.57
N SER A 25 14.17 21.78 31.07
CA SER A 25 14.43 21.47 32.49
C SER A 25 14.77 20.00 32.44
N GLU A 26 16.03 19.62 32.60
CA GLU A 26 16.96 20.32 33.43
C GLU A 26 18.30 20.24 32.73
N PHE A 27 18.42 21.06 31.69
CA PHE A 27 19.58 21.09 30.82
C PHE A 27 19.44 22.40 30.06
N THR A 28 20.35 22.66 29.14
CA THR A 28 20.30 23.90 28.40
C THR A 28 19.70 23.66 27.03
N PHE A 29 18.58 24.30 26.73
CA PHE A 29 17.92 24.07 25.45
C PHE A 29 18.81 24.65 24.39
N ARG A 30 19.41 25.79 24.75
CA ARG A 30 20.24 26.60 23.87
C ARG A 30 21.31 25.82 23.07
N MET A 31 21.58 24.58 23.47
CA MET A 31 22.53 23.77 22.72
C MET A 31 21.90 22.77 21.73
N TYR A 32 20.61 22.48 21.89
CA TYR A 32 19.93 21.46 21.06
C TYR A 32 18.93 21.99 20.04
N ALA A 33 18.94 21.39 18.85
CA ALA A 33 17.88 21.58 17.86
C ALA A 33 16.55 21.00 18.38
N THR A 34 15.41 21.48 17.85
CA THR A 34 14.11 21.05 18.38
C THR A 34 13.07 20.68 17.33
N HIS A 35 12.41 19.55 17.54
CA HIS A 35 11.29 19.08 16.71
C HIS A 35 9.96 19.33 17.35
N TRP A 36 8.95 19.52 16.49
CA TRP A 36 7.57 19.27 16.89
C TRP A 36 6.98 18.16 16.04
N VAL A 37 6.16 17.35 16.72
CA VAL A 37 5.48 16.23 16.15
C VAL A 37 4.03 16.29 16.66
N ARG A 38 3.06 16.04 15.78
CA ARG A 38 1.68 15.98 16.22
C ARG A 38 1.01 14.63 15.97
N GLN A 39 -0.09 14.40 16.70
CA GLN A 39 -0.84 13.15 16.63
C GLN A 39 -2.33 13.44 16.72
N ALA A 40 -3.04 13.21 15.62
CA ALA A 40 -4.49 13.42 15.57
C ALA A 40 -5.22 12.28 16.24
N PRO A 41 -6.41 12.55 16.80
CA PRO A 41 -7.17 11.57 17.57
C PRO A 41 -7.16 10.18 16.94
N GLY A 42 -6.46 9.24 17.59
CA GLY A 42 -6.42 7.87 17.09
C GLY A 42 -5.84 7.70 15.68
N LYS A 43 -5.01 8.67 15.26
CA LYS A 43 -4.22 8.50 14.06
C LYS A 43 -2.76 8.39 14.51
N GLY A 44 -1.81 8.49 13.60
CA GLY A 44 -0.42 8.31 13.99
C GLY A 44 0.39 9.58 14.10
N LEU A 45 1.63 9.41 14.54
CA LEU A 45 2.62 10.47 14.60
C LEU A 45 2.88 11.10 13.24
N GLU A 46 2.84 12.43 13.21
CA GLU A 46 3.14 13.21 12.03
C GLU A 46 4.08 14.32 12.40
N TRP A 47 5.25 14.29 11.80
CA TRP A 47 6.27 15.29 12.08
C TRP A 47 5.87 16.61 11.43
N VAL A 48 6.09 17.69 12.18
CA VAL A 48 5.63 19.04 11.83
C VAL A 48 6.76 19.99 11.44
N ALA A 49 7.77 20.17 12.31
CA ALA A 49 8.78 21.21 12.13
C ALA A 49 10.03 20.98 12.96
N LEU A 50 11.13 21.63 12.56
CA LEU A 50 12.38 21.65 13.35
C LEU A 50 13.13 22.96 13.24
N ILE A 51 13.67 23.40 14.39
CA ILE A 51 14.56 24.57 14.48
C ILE A 51 15.98 24.16 14.93
N SER A 52 17.01 24.70 14.27
CA SER A 52 18.41 24.48 14.66
C SER A 52 18.72 25.13 16.02
N TYR A 53 19.87 24.77 16.62
CA TYR A 53 20.17 25.21 18.00
C TYR A 53 20.15 26.72 18.16
N ASP A 54 20.71 27.44 17.19
CA ASP A 54 20.76 28.91 17.28
C ASP A 54 19.63 29.63 16.52
N GLY A 55 18.75 28.88 15.87
CA GLY A 55 17.58 29.42 15.16
C GLY A 55 17.85 29.88 13.73
N SER A 56 18.94 29.40 13.13
CA SER A 56 19.31 29.79 11.77
C SER A 56 18.41 29.20 10.68
N ASN A 57 17.77 28.06 10.99
CA ASN A 57 16.74 27.41 10.15
C ASN A 57 16.33 26.17 10.94
N LYS A 58 15.09 25.65 10.86
CA LYS A 58 13.86 26.09 10.14
C LYS A 58 13.39 25.21 8.97
N TYR A 59 12.79 24.06 9.34
CA TYR A 59 12.23 23.05 8.42
C TYR A 59 10.80 22.73 8.80
N TYR A 60 9.98 22.54 7.78
CA TYR A 60 8.55 22.38 7.96
C TYR A 60 8.02 21.24 7.12
N ALA A 61 7.09 20.48 7.66
CA ALA A 61 6.44 19.45 6.91
C ALA A 61 5.58 20.14 5.87
N ASP A 62 5.27 19.44 4.78
CA ASP A 62 4.51 20.07 3.70
C ASP A 62 3.14 20.58 4.12
N SER A 63 2.41 19.75 4.87
CA SER A 63 1.06 20.10 5.36
C SER A 63 0.98 21.43 6.14
N VAL A 64 2.11 21.94 6.64
CA VAL A 64 2.07 23.13 7.47
C VAL A 64 2.91 24.30 6.93
N LYS A 65 3.69 24.07 5.89
CA LYS A 65 4.63 25.10 5.43
C LYS A 65 3.86 26.33 4.97
N GLY A 66 4.32 27.51 5.43
CA GLY A 66 3.65 28.77 5.13
C GLY A 66 2.53 29.17 6.06
N ARG A 67 2.24 28.34 7.06
CA ARG A 67 1.12 28.54 7.99
C ARG A 67 1.59 28.54 9.44
N PHE A 68 2.72 27.88 9.68
CA PHE A 68 3.29 27.73 11.02
C PHE A 68 4.68 28.33 11.03
N THR A 69 5.06 28.93 12.14
CA THR A 69 6.42 29.46 12.26
C THR A 69 7.01 28.92 13.53
N ILE A 70 8.10 28.18 13.43
CA ILE A 70 8.82 27.70 14.61
C ILE A 70 9.81 28.79 15.02
N SER A 71 9.98 29.00 16.32
CA SER A 71 11.03 29.92 16.81
C SER A 71 11.59 29.59 18.20
N ARG A 72 12.51 30.45 18.64
CA ARG A 72 13.40 30.17 19.76
C ARG A 72 13.74 31.41 20.55
N ASP A 73 13.64 31.34 21.85
CA ASP A 73 14.13 32.39 22.70
C ASP A 73 15.14 31.71 23.57
N ASN A 74 16.40 31.74 23.14
CA ASN A 74 17.46 30.99 23.79
C ASN A 74 17.76 31.48 25.20
N SER A 75 17.47 32.76 25.47
CA SER A 75 17.67 33.29 26.80
C SER A 75 16.53 32.95 27.79
N MET A 76 15.45 32.35 27.28
CA MET A 76 14.42 31.79 28.15
C MET A 76 14.47 30.25 28.13
N ASN A 77 15.45 29.69 27.42
CA ASN A 77 15.53 28.24 27.25
C ASN A 77 14.17 27.68 26.84
N THR A 78 13.46 28.44 26.00
CA THR A 78 12.13 28.07 25.50
C THR A 78 12.11 28.03 23.96
N VAL A 79 11.26 27.15 23.41
CA VAL A 79 11.03 27.01 21.99
C VAL A 79 9.54 27.19 21.72
N TYR A 80 9.24 27.79 20.58
CA TYR A 80 7.88 28.21 20.26
C TYR A 80 7.48 27.66 18.92
N LEU A 81 6.19 27.30 18.82
CA LEU A 81 5.55 27.08 17.52
C LEU A 81 4.35 28.00 17.39
N GLN A 82 4.43 28.88 16.40
CA GLN A 82 3.34 29.78 16.05
C GLN A 82 2.49 29.09 15.00
N MET A 83 1.21 28.89 15.33
CA MET A 83 0.29 28.16 14.47
C MET A 83 -0.77 29.12 13.96
N ASN A 84 -0.66 29.47 12.67
CA ASN A 84 -1.54 30.44 12.05
C ASN A 84 -2.37 29.74 10.98
N THR A 85 -3.44 30.38 10.49
CA THR A 85 -4.29 29.81 9.44
C THR A 85 -4.76 28.38 9.78
N LEU A 86 -5.25 28.23 10.99
CA LEU A 86 -5.58 26.93 11.50
C LEU A 86 -6.73 26.36 10.72
N ARG A 87 -6.77 25.03 10.69
CA ARG A 87 -7.75 24.27 9.93
C ARG A 87 -8.19 23.13 10.83
N PRO A 88 -9.41 22.59 10.61
CA PRO A 88 -9.86 21.50 11.50
C PRO A 88 -8.88 20.34 11.56
N GLU A 89 -8.24 20.03 10.43
CA GLU A 89 -7.36 18.87 10.40
C GLU A 89 -6.04 19.04 11.17
N ASP A 90 -5.81 20.22 11.77
CA ASP A 90 -4.66 20.47 12.64
C ASP A 90 -5.01 20.09 14.07
N THR A 91 -6.20 19.56 14.27
CA THR A 91 -6.59 19.09 15.59
C THR A 91 -5.67 17.92 15.97
N ALA A 92 -5.09 17.97 17.15
CA ALA A 92 -4.13 16.95 17.58
C ALA A 92 -3.38 17.29 18.88
N VAL A 93 -2.73 16.27 19.45
CA VAL A 93 -1.82 16.50 20.55
C VAL A 93 -0.48 16.86 19.91
N TYR A 94 0.13 17.95 20.35
CA TYR A 94 1.36 18.43 19.77
C TYR A 94 2.47 18.21 20.78
N TYR A 95 3.62 17.70 20.32
CA TYR A 95 4.75 17.33 21.18
C TYR A 95 6.00 18.05 20.74
N CYS A 96 6.72 18.67 21.68
CA CYS A 96 8.06 19.14 21.29
C CYS A 96 9.00 18.04 21.67
N ALA A 97 9.97 17.82 20.80
CA ALA A 97 10.97 16.79 21.05
C ALA A 97 12.35 17.41 20.94
N ARG A 98 13.23 17.07 21.88
CA ARG A 98 14.63 17.44 21.74
C ARG A 98 15.34 16.59 20.69
N ASP A 99 16.21 17.20 19.88
CA ASP A 99 17.01 16.46 18.91
C ASP A 99 18.30 15.88 19.52
N LEU A 100 18.57 14.60 19.25
CA LEU A 100 19.69 13.89 19.88
C LEU A 100 21.02 14.59 19.67
N GLY A 101 21.26 15.00 18.43
CA GLY A 101 22.47 15.73 18.10
C GLY A 101 22.74 16.89 19.05
N GLY A 102 22.61 18.12 18.53
CA GLY A 102 23.01 19.33 19.28
C GLY A 102 24.40 19.23 19.90
N TYR A 103 25.42 19.90 19.34
CA TYR A 103 25.30 21.12 18.53
C TYR A 103 25.08 20.91 17.02
N PHE A 104 24.67 19.70 16.64
CA PHE A 104 24.40 19.39 15.23
C PHE A 104 23.12 18.52 15.10
N ILE A 105 22.58 18.41 13.89
CA ILE A 105 21.26 17.84 13.67
C ILE A 105 21.29 16.36 13.28
N ARG A 106 20.79 15.49 14.15
CA ARG A 106 20.71 14.06 13.84
C ARG A 106 19.41 13.76 13.11
N GLY A 107 18.31 14.33 13.62
CA GLY A 107 16.97 14.04 13.11
C GLY A 107 16.23 12.97 13.90
N ILE A 108 16.71 12.69 15.10
CA ILE A 108 16.00 11.76 15.99
C ILE A 108 15.81 12.45 17.32
N MET A 109 14.88 11.94 18.12
CA MET A 109 14.30 12.70 19.20
C MET A 109 14.31 11.90 20.48
N ASP A 110 15.21 12.24 21.38
CA ASP A 110 15.38 11.45 22.57
C ASP A 110 14.51 11.84 23.75
N VAL A 111 14.16 13.12 23.88
CA VAL A 111 13.36 13.59 25.02
C VAL A 111 12.07 14.24 24.52
N TRP A 112 10.93 13.87 25.12
CA TRP A 112 9.60 14.33 24.68
C TRP A 112 8.81 14.98 25.81
N GLY A 113 8.18 16.14 25.53
CA GLY A 113 7.28 16.80 26.48
C GLY A 113 5.98 16.05 26.67
N GLN A 114 5.13 16.50 27.59
CA GLN A 114 3.90 15.75 27.91
C GLN A 114 2.79 15.72 26.83
N GLY A 115 2.92 16.61 25.84
CA GLY A 115 1.87 16.80 24.85
C GLY A 115 0.89 17.91 25.23
N THR A 116 0.39 18.59 24.19
CA THR A 116 -0.65 19.62 24.31
C THR A 116 -1.79 19.37 23.31
N LEU A 117 -3.02 19.25 23.81
CA LEU A 117 -4.18 19.17 22.94
C LEU A 117 -4.47 20.52 22.31
N VAL A 118 -4.77 20.51 21.01
CA VAL A 118 -5.16 21.70 20.25
C VAL A 118 -6.35 21.30 19.40
N THR A 119 -7.47 21.98 19.59
CA THR A 119 -8.71 21.65 18.88
C THR A 119 -9.11 22.79 17.96
N VAL A 120 -9.20 22.54 16.66
CA VAL A 120 -9.64 23.57 15.72
C VAL A 120 -11.07 23.26 15.27
N SER A 121 -12.00 24.12 15.65
CA SER A 121 -13.41 23.84 15.43
C SER A 121 -14.25 25.12 15.42
N SER A 122 -15.34 25.09 14.65
CA SER A 122 -16.34 26.19 14.64
C SER A 122 -17.32 26.04 15.81
N ALA A 123 -17.29 24.91 16.50
CA ALA A 123 -18.28 24.65 17.54
C ALA A 123 -18.13 25.59 18.73
N SER A 124 -19.23 25.81 19.45
CA SER A 124 -19.26 26.66 20.62
C SER A 124 -19.34 25.78 21.84
N THR A 125 -18.72 26.22 22.93
CA THR A 125 -18.80 25.49 24.19
C THR A 125 -20.25 25.19 24.56
N LYS A 126 -20.55 23.90 24.67
CA LYS A 126 -21.90 23.37 24.96
C LYS A 126 -21.74 22.13 25.80
N GLY A 127 -22.48 22.08 26.92
CA GLY A 127 -22.52 20.94 27.84
C GLY A 127 -23.42 19.83 27.34
N PRO A 128 -23.19 18.59 27.81
CA PRO A 128 -23.86 17.37 27.32
C PRO A 128 -25.29 17.20 27.80
N SER A 129 -26.10 16.59 26.94
CA SER A 129 -27.40 16.05 27.32
C SER A 129 -27.13 14.62 27.70
N VAL A 130 -27.77 14.14 28.75
CA VAL A 130 -27.46 12.80 29.31
C VAL A 130 -28.69 11.92 29.32
N PHE A 131 -28.65 10.87 28.50
CA PHE A 131 -29.83 10.03 28.31
C PHE A 131 -29.57 8.63 28.77
N PRO A 132 -30.56 8.03 29.45
CA PRO A 132 -30.39 6.70 30.04
C PRO A 132 -30.36 5.60 29.02
N LEU A 133 -29.46 4.64 29.23
CA LEU A 133 -29.47 3.40 28.47
C LEU A 133 -30.10 2.28 29.32
N ALA A 134 -31.43 2.22 29.29
CA ALA A 134 -32.24 1.30 30.10
C ALA A 134 -31.96 -0.18 29.87
N PRO A 135 -31.83 -0.98 30.95
CA PRO A 135 -31.68 -2.45 30.87
C PRO A 135 -32.97 -3.13 30.43
N THR A 140 -27.45 -11.80 34.14
CA THR A 140 -26.65 -10.54 34.18
C THR A 140 -26.92 -9.52 33.04
N ALA A 141 -27.50 -8.37 33.40
CA ALA A 141 -27.94 -7.34 32.46
C ALA A 141 -26.90 -6.23 32.21
N ALA A 142 -27.16 -5.41 31.19
CA ALA A 142 -26.31 -4.27 30.85
C ALA A 142 -27.12 -2.99 30.87
N LEU A 143 -26.48 -1.90 31.27
CA LEU A 143 -27.10 -0.57 31.39
C LEU A 143 -26.04 0.52 31.20
N GLY A 144 -26.48 1.71 30.90
CA GLY A 144 -25.52 2.76 30.66
C GLY A 144 -26.11 4.15 30.59
N CYS A 145 -25.22 5.09 30.32
CA CYS A 145 -25.56 6.50 30.09
C CYS A 145 -25.06 6.93 28.73
N LEU A 146 -25.91 7.63 27.99
CA LEU A 146 -25.51 8.22 26.73
C LEU A 146 -25.34 9.71 26.90
N VAL A 147 -24.09 10.15 26.74
CA VAL A 147 -23.64 11.53 26.90
C VAL A 147 -23.48 12.16 25.53
N LYS A 148 -24.46 12.95 25.12
CA LYS A 148 -24.59 13.39 23.73
C LYS A 148 -24.47 14.92 23.53
N ASP A 149 -23.89 15.32 22.40
CA ASP A 149 -23.89 16.72 21.94
C ASP A 149 -23.20 17.69 22.88
N TYR A 150 -21.93 17.42 23.15
CA TYR A 150 -21.11 18.31 23.93
C TYR A 150 -19.89 18.73 23.14
N PHE A 151 -19.33 19.88 23.53
CA PHE A 151 -18.11 20.41 22.99
C PHE A 151 -17.56 21.40 23.99
N PRO A 152 -16.25 21.39 24.22
CA PRO A 152 -15.29 20.48 23.60
C PRO A 152 -15.07 19.25 24.48
N GLU A 153 -14.18 18.37 24.03
CA GLU A 153 -13.62 17.35 24.90
C GLU A 153 -12.82 18.00 26.03
N PRO A 154 -12.79 17.39 27.23
CA PRO A 154 -13.30 16.05 27.54
C PRO A 154 -14.45 16.05 28.53
N VAL A 155 -15.00 14.86 28.74
CA VAL A 155 -16.02 14.64 29.74
C VAL A 155 -15.50 13.54 30.68
N THR A 156 -16.04 13.46 31.88
CA THR A 156 -15.71 12.32 32.71
C THR A 156 -17.02 11.78 33.26
N VAL A 157 -17.13 10.47 33.32
CA VAL A 157 -18.30 9.85 33.91
C VAL A 157 -17.92 8.75 34.88
N SER A 158 -18.56 8.81 36.05
CA SER A 158 -18.45 7.74 37.05
C SER A 158 -19.82 7.12 37.32
N TRP A 159 -19.82 6.04 38.07
CA TRP A 159 -21.08 5.44 38.49
C TRP A 159 -21.19 5.39 40.02
N ASN A 160 -22.32 5.87 40.53
CA ASN A 160 -22.61 5.94 41.97
C ASN A 160 -21.44 6.65 42.66
N SER A 161 -21.21 7.89 42.27
CA SER A 161 -20.15 8.75 42.82
C SER A 161 -18.77 8.08 42.98
N GLY A 162 -18.53 7.07 42.14
CA GLY A 162 -17.22 6.43 42.02
C GLY A 162 -17.11 5.11 42.75
N ALA A 163 -18.22 4.65 43.32
CA ALA A 163 -18.24 3.41 44.06
C ALA A 163 -18.25 2.22 43.10
N LEU A 164 -18.88 2.40 41.94
CA LEU A 164 -18.97 1.36 40.92
C LEU A 164 -17.88 1.51 39.86
N THR A 165 -16.89 0.61 39.87
CA THR A 165 -15.84 0.62 38.82
C THR A 165 -15.73 -0.72 38.07
N SER A 166 -16.09 -1.81 38.76
CA SER A 166 -16.27 -3.12 38.14
C SER A 166 -17.20 -3.08 36.94
N GLY A 167 -16.67 -3.59 35.82
CA GLY A 167 -17.42 -3.74 34.59
C GLY A 167 -18.05 -2.49 34.01
N VAL A 168 -17.39 -1.35 34.18
CA VAL A 168 -17.80 -0.16 33.43
C VAL A 168 -16.94 -0.07 32.17
N HIS A 169 -17.54 0.44 31.10
CA HIS A 169 -16.81 0.84 29.91
C HIS A 169 -17.29 2.22 29.49
N THR A 170 -16.33 3.13 29.37
CA THR A 170 -16.60 4.46 28.82
C THR A 170 -15.88 4.49 27.48
N PHE A 171 -16.65 4.62 26.41
CA PHE A 171 -16.12 4.50 25.07
C PHE A 171 -15.55 5.82 24.63
N PRO A 172 -14.44 5.79 23.87
CA PRO A 172 -13.91 7.01 23.28
C PRO A 172 -15.05 7.84 22.68
N ALA A 173 -14.98 9.16 22.84
CA ALA A 173 -15.95 10.04 22.20
C ALA A 173 -15.85 9.88 20.70
N VAL A 174 -16.96 10.08 20.00
CA VAL A 174 -16.93 10.21 18.55
C VAL A 174 -17.26 11.66 18.19
N LEU A 175 -16.63 12.17 17.14
CA LEU A 175 -16.98 13.50 16.70
C LEU A 175 -18.02 13.33 15.62
N GLN A 176 -19.26 13.77 15.90
CA GLN A 176 -20.24 13.73 14.84
C GLN A 176 -20.11 14.87 13.85
N SER A 177 -20.70 14.68 12.68
CA SER A 177 -20.70 15.67 11.64
C SER A 177 -21.78 16.64 12.05
N SER A 178 -21.35 17.81 12.52
CA SER A 178 -22.23 18.73 13.19
C SER A 178 -21.32 19.49 14.10
N GLY A 179 -20.23 18.82 14.50
CA GLY A 179 -19.17 19.45 15.27
C GLY A 179 -19.20 19.08 16.74
N LEU A 180 -20.23 18.37 17.18
CA LEU A 180 -20.36 17.98 18.60
C LEU A 180 -19.83 16.57 18.84
N TYR A 181 -19.44 16.30 20.09
CA TYR A 181 -18.97 14.96 20.47
C TYR A 181 -20.10 14.18 21.10
N SER A 182 -20.02 12.87 21.00
CA SER A 182 -20.89 12.03 21.80
C SER A 182 -20.19 10.79 22.32
N LEU A 183 -20.82 10.14 23.28
CA LEU A 183 -20.18 9.09 24.07
C LEU A 183 -21.23 8.26 24.83
N SER A 184 -21.00 6.95 24.98
CA SER A 184 -21.76 6.25 26.02
C SER A 184 -20.90 5.51 27.02
N SER A 185 -21.45 5.39 28.22
CA SER A 185 -20.82 4.64 29.28
C SER A 185 -21.73 3.51 29.67
N VAL A 186 -21.16 2.33 29.77
CA VAL A 186 -21.95 1.15 30.06
C VAL A 186 -21.41 0.44 31.29
N VAL A 187 -22.29 -0.22 32.03
CA VAL A 187 -21.87 -1.13 33.07
C VAL A 187 -22.74 -2.38 33.05
N THR A 188 -22.09 -3.54 33.24
CA THR A 188 -22.81 -4.81 33.39
C THR A 188 -22.92 -5.15 34.87
N VAL A 189 -24.04 -5.75 35.21
CA VAL A 189 -24.46 -5.80 36.59
C VAL A 189 -25.40 -7.02 36.78
N PRO A 190 -25.49 -7.59 38.00
CA PRO A 190 -26.37 -8.76 38.10
C PRO A 190 -27.82 -8.40 37.91
N SER A 191 -28.49 -9.17 37.07
CA SER A 191 -29.91 -8.96 36.77
C SER A 191 -30.79 -9.07 38.01
N SER A 192 -30.35 -9.89 38.97
CA SER A 192 -31.01 -10.04 40.26
C SER A 192 -30.69 -8.86 41.16
N SER A 193 -31.19 -7.69 40.82
CA SER A 193 -30.84 -6.45 41.54
C SER A 193 -31.38 -5.18 40.88
N LEU A 194 -31.91 -5.32 39.67
CA LEU A 194 -32.35 -4.13 38.93
C LEU A 194 -33.21 -3.19 39.79
N GLY A 195 -34.37 -3.69 40.22
CA GLY A 195 -35.31 -2.90 41.02
C GLY A 195 -34.88 -2.73 42.47
N THR A 196 -34.15 -3.72 43.00
CA THR A 196 -33.62 -3.71 44.36
C THR A 196 -32.67 -2.52 44.58
N GLN A 197 -31.75 -2.33 43.64
CA GLN A 197 -30.55 -1.55 43.88
C GLN A 197 -30.52 -0.37 42.92
N THR A 198 -29.88 0.72 43.33
CA THR A 198 -29.85 1.94 42.51
C THR A 198 -28.59 2.05 41.66
N TYR A 199 -28.76 2.57 40.43
CA TYR A 199 -27.61 2.93 39.57
C TYR A 199 -27.66 4.37 39.04
N ILE A 200 -26.67 5.17 39.43
CA ILE A 200 -26.55 6.56 38.98
C ILE A 200 -25.25 6.81 38.24
N CYS A 201 -25.35 7.39 37.06
CA CYS A 201 -24.17 7.86 36.35
C CYS A 201 -23.97 9.34 36.62
N ASN A 202 -22.71 9.70 36.85
CA ASN A 202 -22.30 11.07 37.20
C ASN A 202 -21.42 11.58 36.09
N VAL A 203 -21.88 12.63 35.42
CA VAL A 203 -21.26 13.16 34.21
C VAL A 203 -20.80 14.58 34.48
N ASN A 204 -19.51 14.85 34.28
CA ASN A 204 -18.96 16.21 34.40
C ASN A 204 -18.33 16.70 33.10
N HIS A 205 -18.66 17.92 32.71
CA HIS A 205 -18.04 18.60 31.56
C HIS A 205 -17.61 19.99 32.02
N LYS A 206 -16.40 20.06 32.58
CA LYS A 206 -15.80 21.31 33.08
C LYS A 206 -15.90 22.54 32.15
N PRO A 207 -15.56 22.40 30.85
CA PRO A 207 -15.69 23.58 30.01
C PRO A 207 -17.03 24.32 30.14
N SER A 208 -18.14 23.59 30.21
CA SER A 208 -19.45 24.24 30.32
C SER A 208 -19.93 24.39 31.77
N ASN A 209 -19.06 24.07 32.72
CA ASN A 209 -19.41 23.99 34.16
C ASN A 209 -20.76 23.29 34.35
N THR A 210 -20.79 22.00 33.99
CA THR A 210 -21.99 21.18 34.00
C THR A 210 -21.74 19.86 34.71
N LYS A 211 -22.46 19.63 35.79
CA LYS A 211 -22.49 18.34 36.48
C LYS A 211 -23.88 17.75 36.32
N VAL A 212 -23.97 16.51 35.88
CA VAL A 212 -25.27 15.87 35.76
C VAL A 212 -25.18 14.48 36.35
N ASP A 213 -26.09 14.18 37.27
CA ASP A 213 -26.33 12.81 37.71
C ASP A 213 -27.63 12.34 37.05
N LYS A 214 -27.66 11.11 36.57
CA LYS A 214 -28.86 10.58 35.98
C LYS A 214 -29.08 9.16 36.48
N ARG A 215 -30.28 8.91 36.98
CA ARG A 215 -30.63 7.58 37.46
C ARG A 215 -31.14 6.73 36.31
N VAL A 216 -30.55 5.55 36.17
CA VAL A 216 -30.97 4.62 35.13
C VAL A 216 -31.74 3.45 35.74
N GLU A 217 -33.06 3.46 35.55
CA GLU A 217 -33.91 2.33 35.93
C GLU A 217 -34.52 1.68 34.69
N PRO A 218 -34.96 0.40 34.80
CA PRO A 218 -35.59 -0.37 33.69
C PRO A 218 -36.87 0.24 33.08
N LYS A 219 -37.54 -0.53 32.22
CA LYS A 219 -38.79 -0.17 31.49
C LYS A 219 -39.58 1.03 32.02
N GLU B 1 5.70 12.69 -0.17
CA GLU B 1 6.58 12.29 -1.32
C GLU B 1 7.67 11.22 -0.96
N LEU B 2 8.05 11.11 0.32
CA LEU B 2 8.99 10.05 0.76
C LEU B 2 8.38 8.72 1.26
N GLN B 3 7.16 8.72 1.79
CA GLN B 3 6.43 7.46 2.08
C GLN B 3 7.16 6.40 2.94
N MET B 4 6.73 6.24 4.20
CA MET B 4 7.18 5.13 5.04
C MET B 4 6.02 4.17 5.21
N THR B 5 6.28 2.88 4.99
CA THR B 5 5.20 1.90 5.04
C THR B 5 5.44 0.82 6.08
N GLN B 6 4.50 0.70 7.01
CA GLN B 6 4.62 -0.26 8.09
C GLN B 6 3.66 -1.43 8.00
N SER B 7 4.17 -2.58 8.44
CA SER B 7 3.59 -3.89 8.18
C SER B 7 4.03 -4.88 9.26
N PRO B 8 3.08 -5.69 9.77
CA PRO B 8 1.63 -5.48 9.62
C PRO B 8 1.18 -4.28 10.45
N SER B 9 -0.03 -3.80 10.22
CA SER B 9 -0.60 -2.70 10.99
C SER B 9 -0.81 -3.08 12.46
N SER B 10 -1.37 -4.27 12.65
CA SER B 10 -1.63 -4.86 13.97
C SER B 10 -1.14 -6.30 14.04
N VAL B 11 -0.50 -6.65 15.14
CA VAL B 11 -0.10 -8.00 15.37
C VAL B 11 -0.59 -8.38 16.75
N SER B 12 -1.16 -9.59 16.88
CA SER B 12 -1.56 -10.13 18.18
C SER B 12 -0.60 -11.24 18.55
N ALA B 13 -0.11 -11.22 19.78
CA ALA B 13 0.83 -12.22 20.29
C ALA B 13 0.80 -12.32 21.81
N SER B 14 1.74 -13.08 22.36
CA SER B 14 1.59 -13.59 23.71
C SER B 14 2.85 -13.33 24.49
N VAL B 15 2.70 -13.08 25.80
CA VAL B 15 3.86 -12.88 26.65
C VAL B 15 4.83 -14.03 26.43
N GLY B 16 6.03 -13.69 25.99
CA GLY B 16 7.01 -14.71 25.73
C GLY B 16 7.18 -15.10 24.28
N ASP B 17 6.25 -14.69 23.40
CA ASP B 17 6.39 -14.96 21.96
C ASP B 17 7.51 -14.13 21.34
N ARG B 18 7.96 -14.54 20.15
CA ARG B 18 8.89 -13.76 19.34
C ARG B 18 8.10 -13.01 18.28
N VAL B 19 8.36 -11.71 18.16
CA VAL B 19 7.59 -10.87 17.26
C VAL B 19 8.50 -9.95 16.46
N THR B 20 8.10 -9.68 15.22
CA THR B 20 8.92 -8.89 14.31
C THR B 20 8.07 -8.02 13.38
N ILE B 21 8.47 -6.75 13.26
CA ILE B 21 7.76 -5.66 12.56
C ILE B 21 8.61 -5.14 11.40
N THR B 22 7.94 -4.75 10.31
CA THR B 22 8.59 -4.32 9.07
C THR B 22 8.34 -2.84 8.74
N CYS B 23 9.41 -2.17 8.30
CA CYS B 23 9.36 -0.81 7.81
C CYS B 23 10.05 -0.70 6.43
N ARG B 24 9.25 -0.45 5.40
CA ARG B 24 9.77 -0.23 4.05
C ARG B 24 9.70 1.28 3.70
N ALA B 25 10.79 1.81 3.17
CA ALA B 25 10.82 3.19 2.71
C ALA B 25 10.93 3.25 1.21
N SER B 26 10.00 3.95 0.58
CA SER B 26 9.92 4.02 -0.89
C SER B 26 11.11 4.69 -1.66
N GLN B 27 12.16 5.07 -0.94
CA GLN B 27 13.44 5.56 -1.53
C GLN B 27 14.59 5.17 -0.61
N GLY B 28 15.78 5.04 -1.17
CA GLY B 28 16.96 4.60 -0.40
C GLY B 28 17.30 5.54 0.75
N ILE B 29 16.92 5.14 1.96
CA ILE B 29 17.21 5.90 3.18
C ILE B 29 18.67 5.75 3.55
N SER B 30 19.28 4.67 3.07
CA SER B 30 20.54 4.14 3.61
C SER B 30 20.28 3.43 4.96
N SER B 31 20.45 4.14 6.08
CA SER B 31 20.33 3.50 7.40
C SER B 31 20.01 4.49 8.53
N TRP B 32 19.37 5.60 8.16
CA TRP B 32 18.98 6.62 9.10
C TRP B 32 17.51 6.39 9.47
N LEU B 33 17.28 5.44 10.38
CA LEU B 33 15.94 4.97 10.71
C LEU B 33 15.81 4.68 12.20
N ALA B 34 14.88 5.37 12.87
CA ALA B 34 14.64 5.18 14.30
C ALA B 34 13.32 4.44 14.60
N TRP B 35 13.24 3.87 15.80
CA TRP B 35 12.06 3.14 16.25
C TRP B 35 11.62 3.71 17.58
N TYR B 36 10.31 3.99 17.70
CA TYR B 36 9.74 4.56 18.92
C TYR B 36 8.63 3.71 19.49
N GLN B 37 8.56 3.68 20.81
CA GLN B 37 7.51 2.96 21.52
C GLN B 37 6.54 3.95 22.17
N GLN B 38 5.26 3.86 21.82
CA GLN B 38 4.24 4.68 22.46
C GLN B 38 3.14 3.84 23.10
N LYS B 39 2.86 4.12 24.37
CA LYS B 39 1.71 3.56 25.04
C LYS B 39 0.58 4.58 25.03
N PRO B 40 -0.68 4.14 25.07
CA PRO B 40 -1.85 5.05 25.00
C PRO B 40 -1.74 6.29 25.91
N GLY B 41 -1.91 7.48 25.31
CA GLY B 41 -1.94 8.74 26.05
C GLY B 41 -0.63 9.16 26.70
N LYS B 42 0.50 8.74 26.13
CA LYS B 42 1.83 9.07 26.62
C LYS B 42 2.73 9.36 25.46
N ALA B 43 3.82 10.07 25.73
CA ALA B 43 4.78 10.45 24.71
C ALA B 43 5.58 9.22 24.31
N PRO B 44 6.02 9.16 23.05
CA PRO B 44 6.86 8.08 22.52
C PRO B 44 8.25 8.04 23.16
N LYS B 45 8.86 6.84 23.23
CA LYS B 45 10.26 6.67 23.67
C LYS B 45 11.15 6.30 22.49
N LEU B 46 12.37 6.83 22.48
CA LEU B 46 13.38 6.35 21.55
C LEU B 46 13.82 4.95 22.01
N LEU B 47 14.02 4.06 21.03
CA LEU B 47 14.44 2.68 21.29
C LEU B 47 15.66 2.31 20.47
N ILE B 48 15.53 2.43 19.15
CA ILE B 48 16.58 2.09 18.22
C ILE B 48 16.84 3.28 17.32
N TYR B 49 18.12 3.58 17.10
CA TYR B 49 18.52 4.58 16.09
C TYR B 49 19.54 4.02 15.10
N ALA B 50 19.61 4.63 13.91
CA ALA B 50 20.53 4.17 12.85
C ALA B 50 20.36 2.68 12.57
N ALA B 51 19.13 2.29 12.26
CA ALA B 51 18.76 0.90 11.98
C ALA B 51 18.87 -0.09 13.15
N SER B 52 20.02 -0.15 13.81
CA SER B 52 20.26 -1.24 14.76
C SER B 52 20.87 -0.88 16.11
N SER B 53 21.21 0.39 16.30
CA SER B 53 21.78 0.85 17.57
C SER B 53 20.73 1.14 18.64
N LEU B 54 20.72 0.29 19.66
CA LEU B 54 19.87 0.47 20.84
C LEU B 54 20.22 1.75 21.61
N GLN B 55 19.18 2.39 22.15
CA GLN B 55 19.34 3.57 23.01
C GLN B 55 19.90 3.11 24.35
N SER B 56 20.20 4.08 25.21
CA SER B 56 20.76 3.83 26.53
C SER B 56 19.92 2.83 27.38
N GLY B 57 18.69 3.19 27.71
CA GLY B 57 17.92 2.39 28.66
C GLY B 57 17.34 1.05 28.21
N VAL B 58 17.53 0.70 26.94
CA VAL B 58 16.72 -0.34 26.30
C VAL B 58 17.17 -1.79 26.56
N PRO B 59 16.25 -2.64 27.05
CA PRO B 59 16.45 -4.09 27.19
C PRO B 59 17.06 -4.73 25.94
N SER B 60 17.90 -5.75 26.11
CA SER B 60 18.61 -6.35 24.97
C SER B 60 17.75 -7.27 24.09
N ARG B 61 16.55 -7.61 24.56
CA ARG B 61 15.55 -8.35 23.77
C ARG B 61 15.01 -7.57 22.55
N PHE B 62 15.23 -6.25 22.55
CA PHE B 62 14.93 -5.40 21.41
C PHE B 62 16.13 -5.40 20.48
N SER B 63 15.89 -5.83 19.25
CA SER B 63 16.89 -5.83 18.21
C SER B 63 16.31 -5.11 17.02
N GLY B 64 17.18 -4.52 16.19
CA GLY B 64 16.76 -3.93 14.94
C GLY B 64 17.76 -4.21 13.86
N SER B 65 17.29 -4.37 12.62
CA SER B 65 18.16 -4.68 11.49
C SER B 65 17.61 -4.22 10.12
N GLY B 66 18.45 -3.55 9.34
CA GLY B 66 18.10 -3.24 7.95
C GLY B 66 19.11 -2.33 7.28
N SER B 67 18.98 -2.19 5.95
CA SER B 67 19.76 -1.22 5.18
C SER B 67 19.18 -0.95 3.79
N GLY B 68 19.04 0.33 3.45
CA GLY B 68 18.53 0.77 2.16
C GLY B 68 17.04 1.03 2.12
N THR B 69 16.26 -0.03 2.23
CA THR B 69 14.82 0.08 2.01
C THR B 69 14.00 -0.73 2.98
N ASP B 70 14.42 -1.98 3.22
CA ASP B 70 13.67 -2.85 4.11
C ASP B 70 14.26 -2.82 5.52
N PHE B 71 13.40 -2.54 6.49
CA PHE B 71 13.80 -2.48 7.89
C PHE B 71 12.93 -3.35 8.77
N THR B 72 13.51 -3.80 9.89
CA THR B 72 12.86 -4.74 10.76
C THR B 72 13.12 -4.37 12.20
N LEU B 73 12.17 -4.69 13.06
CA LEU B 73 12.34 -4.66 14.51
C LEU B 73 11.78 -5.95 15.07
N THR B 74 12.50 -6.51 16.02
CA THR B 74 12.10 -7.76 16.63
C THR B 74 12.24 -7.60 18.13
N ILE B 75 11.21 -8.05 18.84
CA ILE B 75 11.28 -8.25 20.28
C ILE B 75 11.35 -9.78 20.39
N SER B 76 12.43 -10.28 21.00
CA SER B 76 12.69 -11.74 21.02
C SER B 76 11.70 -12.48 21.93
N SER B 77 11.65 -12.09 23.19
CA SER B 77 10.68 -12.65 24.13
C SER B 77 9.86 -11.52 24.74
N LEU B 78 8.60 -11.48 24.34
CA LEU B 78 7.72 -10.36 24.59
C LEU B 78 7.29 -10.29 26.06
N GLN B 79 7.64 -9.20 26.73
CA GLN B 79 7.29 -9.01 28.15
C GLN B 79 6.04 -8.12 28.30
N PRO B 80 5.24 -8.31 29.38
CA PRO B 80 3.95 -7.59 29.55
C PRO B 80 3.97 -6.09 29.25
N GLU B 81 5.04 -5.40 29.62
CA GLU B 81 5.15 -3.95 29.40
C GLU B 81 5.48 -3.54 27.96
N ASP B 82 5.68 -4.51 27.07
CA ASP B 82 6.11 -4.24 25.70
C ASP B 82 4.96 -4.05 24.70
N PHE B 83 3.74 -4.31 25.15
CA PHE B 83 2.55 -4.09 24.33
C PHE B 83 2.28 -2.60 24.16
N ALA B 84 2.51 -2.12 22.96
CA ALA B 84 2.45 -0.71 22.69
C ALA B 84 2.30 -0.56 21.17
N THR B 85 2.35 0.67 20.66
CA THR B 85 2.43 0.87 19.24
C THR B 85 3.88 1.23 18.90
N TYR B 86 4.33 0.93 17.68
CA TYR B 86 5.72 1.12 17.32
C TYR B 86 5.87 1.94 16.04
N TYR B 87 6.67 3.00 16.11
CA TYR B 87 6.80 3.89 14.98
C TYR B 87 8.22 3.86 14.41
N CYS B 88 8.34 3.66 13.10
CA CYS B 88 9.63 3.83 12.45
C CYS B 88 9.73 5.26 11.90
N GLN B 89 10.96 5.79 11.83
CA GLN B 89 11.20 7.19 11.37
C GLN B 89 12.44 7.42 10.52
N GLN B 90 12.21 7.60 9.22
CA GLN B 90 13.22 8.02 8.26
C GLN B 90 13.86 9.34 8.68
N ALA B 91 15.20 9.38 8.68
CA ALA B 91 15.95 10.58 9.10
C ALA B 91 16.99 10.97 8.07
N ASN B 92 16.60 10.92 6.80
CA ASN B 92 17.55 11.10 5.70
C ASN B 92 17.43 12.46 5.03
N SER B 93 16.25 12.80 4.55
CA SER B 93 16.01 14.15 4.10
C SER B 93 14.87 14.80 4.89
N PHE B 94 14.92 16.13 4.99
CA PHE B 94 13.75 16.88 5.39
C PHE B 94 12.81 16.99 4.19
N PRO B 95 11.48 16.93 4.41
CA PRO B 95 10.76 16.73 5.67
C PRO B 95 10.95 15.32 6.20
N LEU B 96 11.10 15.21 7.52
CA LEU B 96 11.17 13.90 8.19
C LEU B 96 9.83 13.20 8.12
N THR B 97 9.85 11.88 8.24
CA THR B 97 8.64 11.08 8.03
C THR B 97 8.62 9.86 8.93
N PHE B 98 7.56 9.77 9.73
CA PHE B 98 7.25 8.60 10.57
C PHE B 98 6.42 7.62 9.77
N GLY B 99 6.38 6.38 10.25
CA GLY B 99 5.43 5.37 9.75
C GLY B 99 4.04 5.53 10.38
N GLY B 100 3.08 4.79 9.83
CA GLY B 100 1.73 4.76 10.35
C GLY B 100 1.64 3.81 11.51
N GLY B 101 2.76 3.18 11.83
CA GLY B 101 2.91 2.44 13.08
C GLY B 101 2.32 1.05 13.11
N THR B 102 2.86 0.20 13.99
CA THR B 102 2.31 -1.13 14.26
C THR B 102 1.97 -1.30 15.74
N LYS B 103 0.71 -1.71 15.98
CA LYS B 103 0.23 -2.04 17.32
C LYS B 103 0.52 -3.49 17.65
N VAL B 104 1.17 -3.74 18.78
CA VAL B 104 1.32 -5.08 19.34
C VAL B 104 0.28 -5.28 20.45
N GLU B 105 -0.71 -6.11 20.21
CA GLU B 105 -1.82 -6.35 21.14
C GLU B 105 -1.63 -7.72 21.83
N ILE B 106 -2.16 -7.89 23.04
CA ILE B 106 -2.02 -9.16 23.74
C ILE B 106 -2.99 -10.16 23.16
N LYS B 107 -2.56 -11.42 23.06
CA LYS B 107 -3.39 -12.49 22.51
C LYS B 107 -3.95 -13.39 23.60
N ARG B 108 -5.17 -13.83 23.39
CA ARG B 108 -5.83 -14.69 24.33
C ARG B 108 -6.81 -15.63 23.60
N THR B 109 -7.65 -16.33 24.33
CA THR B 109 -8.62 -17.21 23.69
C THR B 109 -9.83 -16.43 23.20
N VAL B 110 -10.43 -16.96 22.12
CA VAL B 110 -11.58 -16.34 21.49
C VAL B 110 -12.67 -16.20 22.51
N ALA B 111 -13.36 -15.06 22.49
CA ALA B 111 -14.46 -14.82 23.38
C ALA B 111 -15.62 -14.17 22.61
N ALA B 112 -16.74 -14.87 22.58
CA ALA B 112 -17.98 -14.36 21.98
C ALA B 112 -18.48 -13.12 22.71
N PRO B 113 -18.84 -12.06 21.97
CA PRO B 113 -19.44 -10.89 22.61
C PRO B 113 -20.81 -11.21 23.18
N SER B 114 -21.19 -10.54 24.25
CA SER B 114 -22.59 -10.57 24.69
C SER B 114 -23.22 -9.35 24.06
N VAL B 115 -24.38 -9.51 23.42
CA VAL B 115 -24.92 -8.41 22.61
C VAL B 115 -26.16 -7.82 23.26
N PHE B 116 -26.30 -6.50 23.25
CA PHE B 116 -27.46 -5.85 23.85
C PHE B 116 -27.96 -4.74 22.96
N ILE B 117 -29.25 -4.50 22.97
CA ILE B 117 -29.78 -3.40 22.20
C ILE B 117 -30.51 -2.50 23.14
N PHE B 118 -30.45 -1.20 22.84
CA PHE B 118 -31.05 -0.18 23.67
C PHE B 118 -31.84 0.78 22.80
N PRO B 119 -33.17 0.69 22.84
CA PRO B 119 -33.98 1.72 22.16
C PRO B 119 -33.72 3.08 22.80
N PRO B 120 -33.92 4.16 22.04
CA PRO B 120 -33.78 5.49 22.59
C PRO B 120 -34.71 5.75 23.76
N SER B 121 -34.26 6.61 24.67
CA SER B 121 -35.07 7.07 25.77
C SER B 121 -36.20 7.96 25.24
N ASP B 122 -37.29 8.01 26.00
CA ASP B 122 -38.38 8.92 25.71
C ASP B 122 -37.93 10.35 25.93
N GLU B 123 -37.01 10.54 26.87
CA GLU B 123 -36.42 11.86 27.10
C GLU B 123 -35.77 12.37 25.81
N GLN B 124 -34.91 11.58 25.19
CA GLN B 124 -34.26 11.96 23.92
C GLN B 124 -35.27 12.22 22.81
N LEU B 125 -36.39 11.51 22.88
CA LEU B 125 -37.42 11.66 21.87
C LEU B 125 -38.13 13.01 21.88
N LYS B 126 -38.19 13.68 23.02
CA LYS B 126 -38.72 15.05 23.09
C LYS B 126 -37.81 16.06 22.37
N SER B 127 -36.49 15.87 22.43
CA SER B 127 -35.53 16.72 21.69
C SER B 127 -35.77 16.70 20.18
N GLY B 128 -36.35 15.61 19.68
CA GLY B 128 -36.55 15.42 18.26
C GLY B 128 -35.48 14.57 17.58
N THR B 129 -34.76 13.77 18.37
CA THR B 129 -33.73 12.88 17.80
C THR B 129 -33.77 11.49 18.42
N ALA B 130 -33.42 10.47 17.62
CA ALA B 130 -33.40 9.12 18.10
C ALA B 130 -32.05 8.46 17.88
N SER B 131 -31.42 8.05 18.98
CA SER B 131 -30.25 7.23 18.96
C SER B 131 -30.63 5.82 19.40
N VAL B 132 -30.09 4.83 18.69
CA VAL B 132 -30.31 3.44 19.05
C VAL B 132 -28.93 2.87 19.26
N VAL B 133 -28.72 2.17 20.38
CA VAL B 133 -27.39 1.70 20.74
C VAL B 133 -27.32 0.19 20.84
N CYS B 134 -26.25 -0.35 20.30
CA CYS B 134 -26.06 -1.77 20.28
C CYS B 134 -24.70 -2.01 20.86
N LEU B 135 -24.67 -2.74 21.97
CA LEU B 135 -23.45 -2.93 22.73
C LEU B 135 -22.92 -4.33 22.52
N LEU B 136 -21.62 -4.42 22.33
CA LEU B 136 -20.97 -5.68 22.23
C LEU B 136 -20.04 -5.69 23.42
N ASN B 137 -20.24 -6.63 24.33
CA ASN B 137 -19.49 -6.62 25.57
C ASN B 137 -18.50 -7.74 25.75
N ASN B 138 -17.29 -7.38 26.16
CA ASN B 138 -16.21 -8.32 26.49
C ASN B 138 -15.95 -9.44 25.48
N PHE B 139 -15.24 -9.12 24.39
CA PHE B 139 -14.95 -10.11 23.37
C PHE B 139 -13.51 -10.04 22.86
N TYR B 140 -13.10 -11.06 22.13
CA TYR B 140 -11.80 -11.09 21.54
C TYR B 140 -11.90 -12.03 20.37
N PRO B 141 -11.31 -11.64 19.22
CA PRO B 141 -10.65 -10.36 18.92
C PRO B 141 -11.58 -9.18 18.64
N ARG B 142 -10.99 -8.02 18.34
CA ARG B 142 -11.72 -6.77 18.04
C ARG B 142 -12.55 -6.77 16.75
N GLU B 143 -12.20 -7.65 15.81
CA GLU B 143 -12.91 -7.80 14.54
C GLU B 143 -14.40 -8.14 14.78
N ALA B 144 -15.24 -7.74 13.81
CA ALA B 144 -16.71 -7.76 13.85
C ALA B 144 -17.01 -6.33 13.50
N LYS B 145 -18.08 -5.98 12.78
CA LYS B 145 -19.12 -6.78 12.11
C LYS B 145 -20.50 -6.65 12.74
N VAL B 146 -20.97 -5.40 12.72
CA VAL B 146 -22.23 -5.00 13.26
C VAL B 146 -22.99 -4.40 12.10
N GLN B 147 -24.22 -4.85 11.88
CA GLN B 147 -25.01 -4.33 10.78
C GLN B 147 -26.33 -3.86 11.32
N TRP B 148 -26.76 -2.69 10.88
CA TRP B 148 -28.06 -2.22 11.27
C TRP B 148 -29.06 -2.60 10.20
N LYS B 149 -30.28 -2.85 10.63
CA LYS B 149 -31.37 -3.39 9.83
C LYS B 149 -32.65 -2.77 10.34
N VAL B 150 -33.26 -1.87 9.58
CA VAL B 150 -34.53 -1.29 10.03
C VAL B 150 -35.63 -1.69 9.07
N ASP B 151 -36.73 -2.20 9.62
CA ASP B 151 -37.74 -2.90 8.83
C ASP B 151 -37.05 -3.85 7.86
N ASN B 152 -36.13 -4.65 8.41
CA ASN B 152 -35.45 -5.69 7.66
C ASN B 152 -34.46 -5.17 6.59
N ALA B 153 -34.45 -3.84 6.38
CA ALA B 153 -33.61 -3.17 5.35
C ALA B 153 -32.23 -2.71 5.85
N LEU B 154 -31.17 -3.20 5.18
CA LEU B 154 -29.76 -2.86 5.48
C LEU B 154 -29.46 -1.34 5.49
N GLN B 155 -28.59 -0.94 6.41
CA GLN B 155 -28.28 0.48 6.68
C GLN B 155 -26.84 0.90 6.36
N SER B 156 -26.67 2.18 6.00
CA SER B 156 -25.37 2.70 5.60
C SER B 156 -25.15 4.14 6.02
N GLY B 157 -23.91 4.45 6.39
CA GLY B 157 -23.48 5.81 6.73
C GLY B 157 -24.34 6.50 7.76
N ASN B 158 -24.93 5.72 8.64
CA ASN B 158 -25.90 6.27 9.57
C ASN B 158 -25.57 5.92 11.02
N SER B 159 -24.39 5.34 11.21
CA SER B 159 -24.03 4.76 12.48
C SER B 159 -22.53 4.87 12.68
N GLN B 160 -22.13 5.29 13.88
CA GLN B 160 -20.71 5.34 14.21
C GLN B 160 -20.33 4.36 15.33
N GLU B 161 -19.23 3.65 15.09
CA GLU B 161 -18.71 2.69 16.06
C GLU B 161 -17.70 3.38 16.98
N SER B 162 -17.41 2.72 18.10
CA SER B 162 -16.37 3.12 19.04
C SER B 162 -16.00 1.90 19.86
N VAL B 163 -14.73 1.78 20.19
CA VAL B 163 -14.22 0.57 20.82
C VAL B 163 -13.16 0.89 21.86
N THR B 164 -13.21 0.17 22.98
CA THR B 164 -12.30 0.32 24.11
C THR B 164 -10.95 -0.31 23.85
N GLU B 165 -9.98 0.07 24.68
CA GLU B 165 -8.67 -0.55 24.64
C GLU B 165 -8.79 -1.86 25.38
N GLN B 166 -7.87 -2.78 25.12
CA GLN B 166 -7.88 -4.07 25.81
C GLN B 166 -7.99 -3.93 27.31
N ASP B 167 -8.94 -4.67 27.87
CA ASP B 167 -9.09 -4.74 29.31
C ASP B 167 -7.78 -5.18 29.98
N SER B 168 -7.40 -4.43 31.01
CA SER B 168 -6.16 -4.71 31.76
C SER B 168 -6.17 -6.09 32.46
N LYS B 169 -7.37 -6.57 32.76
CA LYS B 169 -7.55 -7.80 33.55
C LYS B 169 -7.81 -9.05 32.71
N ASP B 170 -8.64 -8.94 31.67
CA ASP B 170 -8.92 -10.11 30.83
C ASP B 170 -8.65 -9.96 29.32
N SER B 171 -8.09 -8.82 28.89
CA SER B 171 -7.61 -8.66 27.50
C SER B 171 -8.70 -8.62 26.41
N THR B 172 -9.95 -8.62 26.88
CA THR B 172 -11.17 -8.52 26.10
C THR B 172 -11.36 -7.08 25.51
N TYR B 173 -12.36 -6.89 24.66
CA TYR B 173 -12.67 -5.58 24.06
C TYR B 173 -14.14 -5.36 24.21
N SER B 174 -14.56 -4.11 24.05
CA SER B 174 -15.97 -3.80 24.05
C SER B 174 -16.24 -2.73 23.02
N LEU B 175 -17.38 -2.86 22.35
CA LEU B 175 -17.69 -2.03 21.23
C LEU B 175 -19.12 -1.50 21.32
N SER B 176 -19.30 -0.23 20.98
CA SER B 176 -20.63 0.33 20.88
C SER B 176 -20.79 0.83 19.48
N SER B 177 -21.97 0.56 18.91
CA SER B 177 -22.37 1.09 17.62
C SER B 177 -23.69 1.80 17.82
N THR B 178 -23.76 3.04 17.30
CA THR B 178 -24.88 3.93 17.59
C THR B 178 -25.55 4.42 16.31
N LEU B 179 -26.84 4.12 16.16
CA LEU B 179 -27.60 4.55 15.00
C LEU B 179 -28.44 5.78 15.34
N THR B 180 -28.10 6.90 14.71
CA THR B 180 -28.79 8.18 14.90
C THR B 180 -29.75 8.51 13.75
N LEU B 181 -30.92 9.02 14.10
CA LEU B 181 -31.92 9.37 13.11
C LEU B 181 -32.78 10.50 13.66
N SER B 182 -33.38 11.27 12.76
CA SER B 182 -34.39 12.25 13.17
C SER B 182 -35.59 11.53 13.76
N LYS B 183 -36.35 12.22 14.62
CA LYS B 183 -37.55 11.67 15.23
C LYS B 183 -38.57 11.25 14.16
N ALA B 184 -38.76 12.12 13.18
CA ALA B 184 -39.65 11.86 12.04
C ALA B 184 -39.34 10.55 11.32
N ASP B 185 -38.07 10.37 10.92
CA ASP B 185 -37.56 9.14 10.23
C ASP B 185 -37.54 7.93 11.15
N TYR B 186 -37.23 8.15 12.43
CA TYR B 186 -37.33 7.08 13.41
C TYR B 186 -38.76 6.54 13.43
N GLU B 187 -39.74 7.46 13.48
CA GLU B 187 -41.16 7.11 13.58
C GLU B 187 -41.80 6.47 12.32
N LYS B 188 -41.00 6.29 11.26
CA LYS B 188 -41.47 5.75 9.99
C LYS B 188 -41.31 4.23 9.88
N HIS B 189 -40.45 3.66 10.71
CA HIS B 189 -40.20 2.21 10.70
C HIS B 189 -40.66 1.59 12.02
N LYS B 190 -40.77 0.26 12.05
CA LYS B 190 -41.14 -0.42 13.29
C LYS B 190 -40.07 -1.31 13.89
N VAL B 191 -39.31 -2.00 13.06
CA VAL B 191 -38.30 -2.95 13.55
C VAL B 191 -36.89 -2.40 13.47
N TYR B 192 -36.15 -2.48 14.58
CA TYR B 192 -34.76 -2.01 14.63
C TYR B 192 -33.89 -3.12 15.17
N ALA B 193 -32.92 -3.54 14.39
CA ALA B 193 -32.09 -4.67 14.80
C ALA B 193 -30.62 -4.44 14.49
N CYS B 194 -29.74 -4.83 15.41
CA CYS B 194 -28.34 -4.91 15.05
C CYS B 194 -28.00 -6.39 14.96
N GLU B 195 -27.23 -6.73 13.94
CA GLU B 195 -26.82 -8.10 13.72
C GLU B 195 -25.30 -8.12 13.90
N VAL B 196 -24.84 -9.05 14.73
CA VAL B 196 -23.43 -9.13 15.07
C VAL B 196 -22.91 -10.45 14.59
N THR B 197 -21.84 -10.40 13.81
CA THR B 197 -21.18 -11.61 13.39
C THR B 197 -19.73 -11.46 13.84
N HIS B 198 -19.21 -12.51 14.45
CA HIS B 198 -17.91 -12.49 15.10
C HIS B 198 -17.45 -13.93 15.17
N GLN B 199 -16.13 -14.12 15.17
CA GLN B 199 -15.52 -15.45 15.20
C GLN B 199 -16.11 -16.41 16.24
N GLY B 200 -16.30 -15.95 17.45
CA GLY B 200 -16.75 -16.83 18.53
C GLY B 200 -18.23 -17.16 18.51
N LEU B 201 -18.93 -16.71 17.48
CA LEU B 201 -20.32 -17.06 17.31
C LEU B 201 -20.41 -17.95 16.08
N SER B 202 -21.09 -19.08 16.20
CA SER B 202 -21.36 -20.00 15.07
C SER B 202 -21.96 -19.22 13.90
N SER B 203 -23.13 -18.63 14.16
CA SER B 203 -23.82 -17.80 13.20
C SER B 203 -24.05 -16.43 13.82
N PRO B 204 -24.34 -15.40 12.99
CA PRO B 204 -24.65 -14.08 13.52
C PRO B 204 -25.69 -14.07 14.66
N VAL B 205 -25.56 -13.13 15.59
CA VAL B 205 -26.59 -12.90 16.59
C VAL B 205 -27.34 -11.65 16.17
N THR B 206 -28.65 -11.65 16.38
CA THR B 206 -29.49 -10.53 16.02
C THR B 206 -30.34 -10.15 17.22
N LYS B 207 -30.20 -8.90 17.66
CA LYS B 207 -31.07 -8.35 18.68
C LYS B 207 -32.02 -7.38 18.04
N SER B 208 -33.26 -7.39 18.50
CA SER B 208 -34.25 -6.53 17.87
C SER B 208 -35.23 -5.95 18.90
N PHE B 209 -36.03 -4.98 18.46
CA PHE B 209 -37.14 -4.48 19.24
C PHE B 209 -38.16 -3.87 18.29
N ASN B 210 -39.40 -3.74 18.76
CA ASN B 210 -40.42 -3.03 18.02
C ASN B 210 -40.75 -1.70 18.65
N ARG B 211 -40.52 -0.63 17.90
CA ARG B 211 -40.85 0.73 18.32
C ARG B 211 -42.28 0.70 18.88
N GLY B 212 -42.45 1.19 20.11
CA GLY B 212 -43.69 0.95 20.86
C GLY B 212 -43.89 -0.52 21.27
N GLN C 1 -1.38 5.84 3.84
CA GLN C 1 -2.40 5.29 2.88
C GLN C 1 -2.49 3.76 2.91
N VAL C 2 -3.72 3.25 2.77
CA VAL C 2 -3.99 1.81 2.65
C VAL C 2 -3.07 1.16 1.59
N GLN C 3 -2.27 0.17 1.99
CA GLN C 3 -1.35 -0.53 1.09
C GLN C 3 -1.24 -2.01 1.46
N LEU C 4 -0.86 -2.85 0.51
CA LEU C 4 -0.57 -4.25 0.81
C LEU C 4 0.93 -4.42 0.63
N VAL C 5 1.54 -5.22 1.48
CA VAL C 5 2.99 -5.34 1.48
C VAL C 5 3.51 -6.77 1.38
N GLN C 6 4.16 -7.06 0.27
CA GLN C 6 4.52 -8.40 -0.07
C GLN C 6 5.95 -8.75 0.27
N SER C 7 6.14 -10.00 0.66
CA SER C 7 7.45 -10.58 0.81
C SER C 7 7.48 -11.92 0.09
N GLY C 8 8.67 -12.49 0.00
CA GLY C 8 8.83 -13.85 -0.45
C GLY C 8 9.33 -13.89 -1.86
N GLY C 9 9.23 -15.05 -2.49
CA GLY C 9 9.60 -15.21 -3.87
C GLY C 9 11.09 -15.27 -4.03
N GLY C 10 11.51 -15.31 -5.30
CA GLY C 10 12.87 -15.59 -5.72
C GLY C 10 12.90 -16.74 -6.72
N VAL C 11 14.00 -17.48 -6.69
CA VAL C 11 14.33 -18.43 -7.73
C VAL C 11 14.23 -19.83 -7.13
N VAL C 12 13.51 -20.70 -7.81
CA VAL C 12 13.28 -22.03 -7.28
C VAL C 12 13.26 -23.05 -8.41
N GLN C 13 13.69 -24.29 -8.14
CA GLN C 13 13.76 -25.35 -9.15
C GLN C 13 12.45 -26.13 -9.27
N PRO C 14 12.14 -26.68 -10.48
CA PRO C 14 10.87 -27.39 -10.66
C PRO C 14 10.72 -28.50 -9.63
N GLY C 15 9.50 -28.65 -9.09
CA GLY C 15 9.18 -29.68 -8.12
C GLY C 15 9.31 -29.20 -6.68
N ARG C 16 9.89 -28.01 -6.50
CA ARG C 16 10.13 -27.47 -5.18
C ARG C 16 9.04 -26.49 -4.79
N SER C 17 9.16 -25.91 -3.60
CA SER C 17 8.14 -25.10 -2.98
C SER C 17 8.66 -23.72 -2.56
N LEU C 18 7.73 -22.79 -2.40
CA LEU C 18 7.99 -21.40 -2.00
C LEU C 18 6.76 -20.90 -1.27
N ARG C 19 6.92 -19.97 -0.32
CA ARG C 19 5.77 -19.36 0.35
C ARG C 19 5.81 -17.85 0.16
N LEU C 20 4.74 -17.25 -0.35
CA LEU C 20 4.64 -15.79 -0.46
C LEU C 20 3.82 -15.21 0.69
N SER C 21 4.18 -14.03 1.16
CA SER C 21 3.34 -13.42 2.18
C SER C 21 2.90 -12.01 1.78
N CYS C 22 1.81 -11.58 2.38
CA CYS C 22 1.19 -10.31 2.05
C CYS C 22 0.60 -9.68 3.31
N ALA C 23 1.26 -8.67 3.84
CA ALA C 23 0.82 -8.00 5.07
C ALA C 23 0.03 -6.72 4.76
N ALA C 24 -1.04 -6.47 5.52
CA ALA C 24 -1.84 -5.26 5.35
C ALA C 24 -1.19 -4.05 6.01
N SER C 25 -1.36 -2.89 5.41
CA SER C 25 -0.90 -1.63 6.01
C SER C 25 -2.05 -0.64 6.10
N GLU C 26 -2.22 -0.06 7.29
CA GLU C 26 -3.20 1.01 7.50
C GLU C 26 -4.63 0.55 7.34
N PHE C 27 -4.86 -0.73 7.62
CA PHE C 27 -6.19 -1.30 7.73
C PHE C 27 -6.13 -2.72 8.28
N THR C 28 -7.30 -3.29 8.49
CA THR C 28 -7.42 -4.56 9.18
C THR C 28 -7.71 -5.66 8.18
N PHE C 29 -6.74 -6.57 8.01
CA PHE C 29 -6.87 -7.57 6.96
C PHE C 29 -7.99 -8.51 7.34
N ARG C 30 -8.06 -8.86 8.62
CA ARG C 30 -9.02 -9.83 9.16
C ARG C 30 -10.47 -9.56 8.74
N MET C 31 -10.71 -8.41 8.12
CA MET C 31 -12.03 -8.04 7.62
C MET C 31 -12.26 -8.44 6.18
N TYR C 32 -11.19 -8.52 5.38
CA TYR C 32 -11.34 -8.72 3.91
C TYR C 32 -10.89 -10.06 3.35
N ALA C 33 -11.66 -10.54 2.38
CA ALA C 33 -11.24 -11.64 1.53
C ALA C 33 -10.05 -11.23 0.60
N THR C 34 -9.13 -12.17 0.32
CA THR C 34 -7.93 -11.81 -0.44
C THR C 34 -7.67 -12.66 -1.67
N HIS C 35 -7.23 -12.00 -2.73
CA HIS C 35 -6.95 -12.61 -4.02
C HIS C 35 -5.47 -12.68 -4.25
N TRP C 36 -5.04 -13.70 -4.99
CA TRP C 36 -3.75 -13.67 -5.64
C TRP C 36 -3.93 -13.69 -7.16
N VAL C 37 -3.20 -12.80 -7.82
CA VAL C 37 -3.18 -12.74 -9.27
C VAL C 37 -1.72 -12.76 -9.72
N ARG C 38 -1.42 -13.51 -10.79
CA ARG C 38 -0.08 -13.51 -11.37
C ARG C 38 -0.04 -13.02 -12.80
N GLN C 39 1.17 -12.64 -13.22
CA GLN C 39 1.46 -12.13 -14.55
C GLN C 39 2.80 -12.63 -15.07
N ALA C 40 2.73 -13.48 -16.08
CA ALA C 40 3.90 -14.09 -16.71
C ALA C 40 4.61 -13.06 -17.58
N PRO C 41 5.95 -13.17 -17.71
CA PRO C 41 6.75 -12.21 -18.48
C PRO C 41 6.06 -11.80 -19.78
N GLY C 42 5.69 -10.53 -19.88
CA GLY C 42 5.04 -10.03 -21.09
C GLY C 42 3.78 -10.83 -21.49
N LYS C 43 3.04 -11.35 -20.52
CA LYS C 43 1.72 -11.89 -20.78
C LYS C 43 0.70 -11.15 -19.91
N GLY C 44 -0.57 -11.54 -19.95
CA GLY C 44 -1.59 -10.84 -19.18
C GLY C 44 -1.80 -11.34 -17.76
N LEU C 45 -2.74 -10.70 -17.06
CA LEU C 45 -3.17 -11.09 -15.72
C LEU C 45 -3.85 -12.44 -15.70
N GLU C 46 -3.42 -13.30 -14.78
CA GLU C 46 -4.06 -14.59 -14.56
C GLU C 46 -4.38 -14.70 -13.07
N TRP C 47 -5.65 -14.82 -12.76
CA TRP C 47 -6.09 -14.91 -11.39
C TRP C 47 -5.68 -16.28 -10.90
N VAL C 48 -5.34 -16.37 -9.62
CA VAL C 48 -4.78 -17.57 -9.03
C VAL C 48 -5.69 -18.18 -7.95
N ALA C 49 -6.09 -17.37 -6.97
CA ALA C 49 -6.72 -17.89 -5.74
C ALA C 49 -7.42 -16.82 -4.94
N LEU C 50 -8.33 -17.25 -4.08
CA LEU C 50 -8.94 -16.34 -3.11
C LEU C 50 -9.29 -17.04 -1.82
N ILE C 51 -9.04 -16.34 -0.71
CA ILE C 51 -9.45 -16.81 0.61
C ILE C 51 -10.50 -15.86 1.23
N SER C 52 -11.56 -16.44 1.80
CA SER C 52 -12.59 -15.69 2.54
C SER C 52 -12.03 -14.99 3.77
N TYR C 53 -12.81 -14.05 4.32
CA TYR C 53 -12.32 -13.18 5.40
C TYR C 53 -11.79 -13.93 6.62
N ASP C 54 -12.28 -15.13 6.88
CA ASP C 54 -11.86 -15.89 8.07
C ASP C 54 -11.15 -17.22 7.75
N GLY C 55 -10.94 -17.49 6.46
CA GLY C 55 -10.24 -18.71 6.03
C GLY C 55 -11.15 -19.91 5.76
N SER C 56 -12.44 -19.76 6.07
CA SER C 56 -13.39 -20.85 5.95
C SER C 56 -13.44 -21.45 4.53
N ASN C 57 -13.45 -20.61 3.50
CA ASN C 57 -13.32 -21.21 2.16
C ASN C 57 -12.36 -20.55 1.16
N LYS C 58 -11.97 -21.36 0.18
CA LYS C 58 -10.82 -21.14 -0.67
C LYS C 58 -11.12 -21.58 -2.09
N TYR C 59 -10.71 -20.75 -3.06
CA TYR C 59 -10.96 -21.01 -4.49
C TYR C 59 -9.66 -20.92 -5.26
N TYR C 60 -9.52 -21.78 -6.26
CA TYR C 60 -8.30 -21.91 -7.02
C TYR C 60 -8.61 -22.05 -8.51
N ALA C 61 -7.91 -21.27 -9.32
CA ALA C 61 -7.98 -21.40 -10.77
C ALA C 61 -7.45 -22.78 -11.12
N ASP C 62 -7.89 -23.36 -12.23
CA ASP C 62 -7.53 -24.76 -12.53
C ASP C 62 -6.03 -25.03 -12.72
N SER C 63 -5.32 -24.15 -13.44
CA SER C 63 -3.87 -24.32 -13.67
C SER C 63 -3.06 -24.65 -12.40
N VAL C 64 -3.55 -24.18 -11.26
CA VAL C 64 -2.97 -24.47 -9.95
C VAL C 64 -4.14 -25.15 -9.27
N LYS C 65 -3.93 -25.86 -8.18
CA LYS C 65 -5.05 -26.54 -7.50
C LYS C 65 -4.62 -27.96 -7.29
N GLY C 66 -4.51 -28.32 -6.01
CA GLY C 66 -3.83 -29.53 -5.64
C GLY C 66 -2.35 -29.29 -5.66
N ARG C 67 -1.97 -28.05 -5.97
CA ARG C 67 -0.58 -27.62 -5.99
C ARG C 67 -0.30 -26.40 -5.12
N PHE C 68 -1.26 -25.47 -5.06
CA PHE C 68 -1.11 -24.22 -4.30
C PHE C 68 -2.06 -24.23 -3.13
N THR C 69 -1.65 -23.67 -1.99
CA THR C 69 -2.50 -23.65 -0.79
C THR C 69 -2.53 -22.24 -0.24
N ILE C 70 -3.67 -21.58 -0.33
CA ILE C 70 -3.81 -20.23 0.22
C ILE C 70 -4.14 -20.36 1.70
N SER C 71 -3.61 -19.46 2.53
CA SER C 71 -3.97 -19.47 3.94
C SER C 71 -3.87 -18.08 4.60
N ARG C 72 -4.16 -18.04 5.89
CA ARG C 72 -4.32 -16.81 6.62
C ARG C 72 -3.80 -16.94 8.03
N ASP C 73 -3.33 -15.82 8.57
CA ASP C 73 -2.96 -15.74 9.96
C ASP C 73 -3.46 -14.38 10.35
N ASN C 74 -4.74 -14.33 10.73
CA ASN C 74 -5.39 -13.06 11.02
C ASN C 74 -4.79 -12.30 12.19
N SER C 75 -4.16 -13.03 13.10
CA SER C 75 -3.50 -12.42 14.22
C SER C 75 -2.23 -11.66 13.77
N MET C 76 -1.66 -12.06 12.62
CA MET C 76 -0.52 -11.33 12.04
C MET C 76 -0.95 -10.34 10.96
N ASN C 77 -2.25 -10.22 10.74
CA ASN C 77 -2.80 -9.40 9.66
C ASN C 77 -2.15 -9.74 8.31
N THR C 78 -1.72 -11.01 8.18
CA THR C 78 -1.00 -11.51 7.00
C THR C 78 -1.75 -12.64 6.24
N VAL C 79 -1.46 -12.74 4.94
CA VAL C 79 -2.07 -13.70 4.02
C VAL C 79 -0.95 -14.39 3.23
N TYR C 80 -1.10 -15.69 3.04
CA TYR C 80 -0.02 -16.52 2.51
C TYR C 80 -0.49 -17.34 1.33
N LEU C 81 0.41 -17.52 0.37
CA LEU C 81 0.20 -18.47 -0.70
C LEU C 81 1.35 -19.45 -0.72
N GLN C 82 1.06 -20.69 -0.35
CA GLN C 82 2.01 -21.79 -0.38
C GLN C 82 2.01 -22.30 -1.80
N MET C 83 3.17 -22.29 -2.44
CA MET C 83 3.29 -22.74 -3.83
C MET C 83 4.14 -23.99 -3.87
N ASN C 84 3.47 -25.10 -4.18
CA ASN C 84 4.11 -26.40 -4.16
C ASN C 84 4.14 -26.99 -5.55
N THR C 85 4.94 -28.04 -5.76
CA THR C 85 5.06 -28.67 -7.08
C THR C 85 5.24 -27.68 -8.25
N LEU C 86 6.06 -26.66 -8.03
CA LEU C 86 6.22 -25.62 -9.01
C LEU C 86 6.69 -26.17 -10.32
N ARG C 87 6.27 -25.54 -11.42
CA ARG C 87 6.65 -25.88 -12.80
C ARG C 87 7.17 -24.59 -13.49
N PRO C 88 7.91 -24.73 -14.61
CA PRO C 88 8.44 -23.53 -15.27
C PRO C 88 7.39 -22.50 -15.63
N GLU C 89 6.21 -22.96 -16.05
CA GLU C 89 5.16 -22.02 -16.48
C GLU C 89 4.49 -21.27 -15.31
N ASP C 90 4.99 -21.46 -14.09
CA ASP C 90 4.50 -20.74 -12.94
C ASP C 90 5.34 -19.48 -12.75
N THR C 91 6.38 -19.34 -13.56
CA THR C 91 7.23 -18.14 -13.54
C THR C 91 6.36 -16.92 -13.83
N ALA C 92 6.43 -15.92 -12.95
CA ALA C 92 5.56 -14.74 -13.02
C ALA C 92 5.73 -13.79 -11.83
N VAL C 93 5.17 -12.59 -11.96
CA VAL C 93 5.12 -11.67 -10.85
C VAL C 93 3.81 -12.01 -10.15
N TYR C 94 3.85 -12.12 -8.82
CA TYR C 94 2.67 -12.48 -8.09
C TYR C 94 2.18 -11.29 -7.30
N TYR C 95 0.86 -11.10 -7.30
CA TYR C 95 0.21 -9.98 -6.63
C TYR C 95 -0.86 -10.47 -5.67
N CYS C 96 -0.86 -9.99 -4.44
CA CYS C 96 -2.06 -10.19 -3.60
C CYS C 96 -2.89 -8.98 -3.85
N ALA C 97 -4.21 -9.18 -3.83
CA ALA C 97 -5.18 -8.12 -4.07
C ALA C 97 -6.30 -8.24 -3.04
N ARG C 98 -6.60 -7.14 -2.35
CA ARG C 98 -7.71 -7.10 -1.40
C ARG C 98 -9.04 -7.12 -2.14
N ASP C 99 -9.99 -7.95 -1.69
CA ASP C 99 -11.34 -7.98 -2.28
C ASP C 99 -12.13 -6.75 -1.82
N LEU C 100 -13.09 -6.30 -2.64
CA LEU C 100 -13.83 -5.08 -2.30
C LEU C 100 -14.95 -5.37 -1.33
N GLY C 101 -14.79 -4.80 -0.15
CA GLY C 101 -15.75 -5.00 0.92
C GLY C 101 -15.60 -6.37 1.56
N GLY C 102 -15.14 -6.34 2.81
CA GLY C 102 -15.42 -7.40 3.76
C GLY C 102 -16.70 -6.86 4.37
N TYR C 103 -17.50 -7.69 5.05
CA TYR C 103 -17.17 -9.05 5.44
C TYR C 103 -17.79 -10.08 4.46
N PHE C 104 -17.98 -9.65 3.22
CA PHE C 104 -18.49 -10.54 2.16
C PHE C 104 -17.57 -10.52 0.93
N ILE C 105 -17.91 -11.36 -0.06
CA ILE C 105 -17.08 -11.55 -1.25
C ILE C 105 -17.69 -10.86 -2.46
N ARG C 106 -16.96 -9.89 -3.02
CA ARG C 106 -17.43 -9.17 -4.20
C ARG C 106 -16.90 -9.73 -5.51
N GLY C 107 -15.65 -10.19 -5.51
CA GLY C 107 -15.02 -10.70 -6.73
C GLY C 107 -14.26 -9.63 -7.50
N ILE C 108 -14.07 -8.48 -6.88
CA ILE C 108 -13.23 -7.44 -7.49
C ILE C 108 -12.19 -6.98 -6.48
N MET C 109 -11.15 -6.34 -6.97
CA MET C 109 -9.96 -6.10 -6.20
C MET C 109 -9.51 -4.66 -6.29
N ASP C 110 -9.52 -3.97 -5.17
CA ASP C 110 -9.33 -2.52 -5.15
C ASP C 110 -7.98 -2.06 -4.62
N VAL C 111 -7.34 -2.87 -3.78
CA VAL C 111 -5.99 -2.52 -3.30
C VAL C 111 -5.04 -3.64 -3.65
N TRP C 112 -3.84 -3.28 -4.13
CA TRP C 112 -2.93 -4.24 -4.75
C TRP C 112 -1.51 -4.10 -4.23
N GLY C 113 -0.85 -5.24 -3.98
CA GLY C 113 0.56 -5.24 -3.60
C GLY C 113 1.44 -4.75 -4.74
N GLN C 114 2.73 -4.70 -4.51
CA GLN C 114 3.68 -4.21 -5.51
C GLN C 114 4.21 -5.34 -6.43
N GLY C 115 3.88 -6.58 -6.08
CA GLY C 115 4.35 -7.74 -6.81
C GLY C 115 5.65 -8.33 -6.31
N THR C 116 5.74 -9.64 -6.45
CA THR C 116 6.89 -10.47 -6.14
C THR C 116 7.22 -11.35 -7.34
N LEU C 117 8.40 -11.19 -7.89
CA LEU C 117 8.89 -12.10 -8.93
C LEU C 117 9.13 -13.50 -8.33
N VAL C 118 8.62 -14.53 -9.02
CA VAL C 118 9.06 -15.91 -8.79
C VAL C 118 9.48 -16.59 -10.08
N THR C 119 10.71 -17.11 -10.10
CA THR C 119 11.28 -17.78 -11.27
C THR C 119 11.45 -19.27 -10.98
N VAL C 120 10.81 -20.11 -11.79
CA VAL C 120 10.93 -21.55 -11.68
C VAL C 120 11.78 -22.07 -12.85
N SER C 121 12.97 -22.57 -12.52
CA SER C 121 13.97 -22.86 -13.53
C SER C 121 15.00 -23.86 -13.03
N SER C 122 15.52 -24.66 -13.95
CA SER C 122 16.56 -25.64 -13.62
C SER C 122 17.94 -25.01 -13.67
N ALA C 123 18.03 -23.79 -14.20
CA ALA C 123 19.33 -23.18 -14.47
C ALA C 123 20.07 -22.83 -13.18
N SER C 124 21.37 -22.60 -13.29
CA SER C 124 22.18 -22.22 -12.13
C SER C 124 22.66 -20.78 -12.25
N THR C 125 22.69 -20.08 -11.13
CA THR C 125 23.18 -18.71 -11.09
C THR C 125 24.47 -18.62 -11.91
N LYS C 126 24.45 -17.77 -12.93
CA LYS C 126 25.53 -17.64 -13.91
C LYS C 126 25.64 -16.19 -14.32
N GLY C 127 26.86 -15.64 -14.19
CA GLY C 127 27.19 -14.28 -14.70
C GLY C 127 27.27 -14.21 -16.22
N PRO C 128 26.98 -13.02 -16.79
CA PRO C 128 26.97 -12.84 -18.25
C PRO C 128 28.36 -12.74 -18.86
N SER C 129 28.46 -13.10 -20.13
CA SER C 129 29.63 -12.76 -20.93
C SER C 129 29.16 -11.54 -21.71
N VAL C 130 30.04 -10.58 -21.94
CA VAL C 130 29.64 -9.32 -22.58
C VAL C 130 30.40 -9.17 -23.88
N PHE C 131 29.66 -9.03 -24.97
CA PHE C 131 30.28 -8.99 -26.28
C PHE C 131 30.00 -7.70 -27.01
N PRO C 132 31.05 -7.11 -27.61
CA PRO C 132 30.95 -5.83 -28.31
C PRO C 132 30.07 -5.95 -29.53
N LEU C 133 29.14 -5.01 -29.69
CA LEU C 133 28.48 -4.78 -30.97
C LEU C 133 29.19 -3.63 -31.66
N ALA C 134 30.23 -4.00 -32.41
CA ALA C 134 31.09 -3.06 -33.13
C ALA C 134 30.35 -2.25 -34.21
N PRO C 135 30.72 -0.97 -34.37
CA PRO C 135 30.11 -0.19 -35.45
C PRO C 135 31.02 -0.07 -36.69
N SER C 136 30.43 0.31 -37.84
CA SER C 136 31.17 0.96 -38.97
C SER C 136 30.21 1.66 -39.94
N THR C 140 25.43 8.26 -39.11
CA THR C 140 25.57 8.58 -37.69
C THR C 140 25.31 7.31 -36.91
N ALA C 141 26.42 6.66 -36.56
CA ALA C 141 26.51 5.23 -36.30
C ALA C 141 25.84 4.69 -35.05
N ALA C 142 25.84 3.36 -34.95
CA ALA C 142 25.22 2.65 -33.84
C ALA C 142 26.18 1.64 -33.31
N LEU C 143 26.21 1.49 -31.99
CA LEU C 143 27.09 0.55 -31.29
C LEU C 143 26.41 0.08 -30.03
N GLY C 144 26.87 -1.03 -29.49
CA GLY C 144 26.29 -1.56 -28.28
C GLY C 144 27.06 -2.68 -27.64
N CYS C 145 26.44 -3.30 -26.65
CA CYS C 145 26.97 -4.50 -26.00
C CYS C 145 25.95 -5.63 -26.02
N LEU C 146 26.42 -6.83 -26.29
CA LEU C 146 25.57 -8.00 -26.12
C LEU C 146 25.93 -8.69 -24.82
N VAL C 147 24.90 -8.87 -24.00
CA VAL C 147 25.03 -9.43 -22.66
C VAL C 147 24.40 -10.81 -22.72
N LYS C 148 25.24 -11.84 -22.79
CA LYS C 148 24.76 -13.20 -23.13
C LYS C 148 24.87 -14.25 -22.02
N ASP C 149 23.94 -15.20 -22.04
CA ASP C 149 23.93 -16.35 -21.15
C ASP C 149 24.10 -16.00 -19.66
N TYR C 150 23.13 -15.29 -19.10
CA TYR C 150 23.11 -15.05 -17.67
C TYR C 150 21.84 -15.57 -17.02
N PHE C 151 21.93 -15.89 -15.72
CA PHE C 151 20.76 -16.32 -14.97
C PHE C 151 21.00 -16.06 -13.49
N PRO C 152 20.01 -15.44 -12.81
CA PRO C 152 18.71 -15.03 -13.32
C PRO C 152 18.64 -13.58 -13.71
N GLU C 153 17.47 -13.15 -14.18
CA GLU C 153 17.12 -11.75 -14.26
C GLU C 153 17.29 -11.15 -12.87
N PRO C 154 17.70 -9.87 -12.77
CA PRO C 154 17.92 -8.90 -13.84
C PRO C 154 19.37 -8.53 -13.96
N VAL C 155 19.65 -7.75 -14.99
CA VAL C 155 20.97 -7.29 -15.30
C VAL C 155 20.79 -5.77 -15.39
N THR C 156 21.82 -4.98 -15.14
CA THR C 156 21.69 -3.57 -15.50
C THR C 156 22.87 -3.16 -16.33
N VAL C 157 22.61 -2.36 -17.36
CA VAL C 157 23.71 -1.82 -18.15
C VAL C 157 23.63 -0.31 -18.28
N SER C 158 24.75 0.33 -18.02
CA SER C 158 24.88 1.76 -18.27
C SER C 158 25.98 2.02 -19.29
N TRP C 159 25.95 3.21 -19.87
CA TRP C 159 27.04 3.64 -20.73
C TRP C 159 27.85 4.78 -20.12
N ASN C 160 29.17 4.60 -20.08
CA ASN C 160 30.11 5.53 -19.47
C ASN C 160 29.73 5.89 -18.01
N SER C 161 29.63 4.86 -17.17
CA SER C 161 29.28 5.01 -15.75
C SER C 161 28.07 5.92 -15.50
N GLY C 162 27.18 5.98 -16.49
CA GLY C 162 25.88 6.64 -16.37
C GLY C 162 25.79 8.00 -17.01
N ALA C 163 26.88 8.40 -17.66
CA ALA C 163 27.00 9.70 -18.31
C ALA C 163 26.26 9.75 -19.63
N LEU C 164 26.22 8.62 -20.32
CA LEU C 164 25.59 8.55 -21.62
C LEU C 164 24.21 7.94 -21.49
N THR C 165 23.17 8.74 -21.66
CA THR C 165 21.80 8.22 -21.58
C THR C 165 20.95 8.58 -22.80
N SER C 166 21.37 9.57 -23.58
CA SER C 166 20.68 9.84 -24.84
C SER C 166 21.04 8.80 -25.90
N GLY C 167 20.00 8.36 -26.62
CA GLY C 167 20.13 7.35 -27.67
C GLY C 167 20.50 5.96 -27.16
N VAL C 168 20.16 5.66 -25.92
CA VAL C 168 20.40 4.34 -25.38
C VAL C 168 19.11 3.51 -25.45
N HIS C 169 19.22 2.27 -25.95
CA HIS C 169 18.13 1.31 -25.90
C HIS C 169 18.61 0.00 -25.31
N THR C 170 17.95 -0.40 -24.24
CA THR C 170 18.27 -1.68 -23.62
C THR C 170 17.06 -2.56 -23.76
N PHE C 171 17.28 -3.71 -24.35
CA PHE C 171 16.18 -4.50 -24.79
C PHE C 171 15.71 -5.45 -23.71
N PRO C 172 14.39 -5.66 -23.62
CA PRO C 172 13.90 -6.71 -22.75
C PRO C 172 14.78 -7.93 -23.00
N ALA C 173 15.10 -8.68 -21.94
CA ALA C 173 15.86 -9.90 -22.07
C ALA C 173 14.98 -10.94 -22.74
N VAL C 174 15.59 -11.85 -23.48
CA VAL C 174 14.91 -13.02 -24.00
C VAL C 174 15.41 -14.24 -23.23
N LEU C 175 14.52 -15.22 -23.04
CA LEU C 175 14.89 -16.50 -22.46
C LEU C 175 15.24 -17.53 -23.56
N GLN C 176 16.51 -17.90 -23.62
CA GLN C 176 16.99 -18.86 -24.60
C GLN C 176 16.50 -20.28 -24.25
N SER C 177 16.64 -21.19 -25.20
CA SER C 177 16.31 -22.60 -25.02
C SER C 177 17.30 -23.25 -24.08
N SER C 178 18.46 -22.63 -23.91
CA SER C 178 19.46 -23.14 -23.00
C SER C 178 18.98 -22.97 -21.56
N GLY C 179 18.01 -22.08 -21.34
CA GLY C 179 17.54 -21.78 -20.01
C GLY C 179 18.18 -20.50 -19.48
N LEU C 180 19.11 -19.92 -20.24
CA LEU C 180 19.75 -18.68 -19.82
C LEU C 180 19.19 -17.47 -20.58
N TYR C 181 19.29 -16.29 -19.99
CA TYR C 181 18.77 -15.09 -20.60
C TYR C 181 19.83 -14.40 -21.46
N SER C 182 19.36 -13.53 -22.34
CA SER C 182 20.24 -12.75 -23.17
C SER C 182 19.60 -11.41 -23.51
N LEU C 183 20.42 -10.39 -23.69
CA LEU C 183 19.96 -9.09 -24.22
C LEU C 183 21.03 -8.24 -24.88
N SER C 184 20.62 -7.20 -25.60
CA SER C 184 21.58 -6.25 -26.10
C SER C 184 21.24 -4.85 -25.66
N SER C 185 22.27 -4.06 -25.42
CA SER C 185 22.11 -2.63 -25.19
C SER C 185 22.76 -1.85 -26.33
N VAL C 186 22.04 -0.86 -26.86
CA VAL C 186 22.54 -0.12 -28.01
C VAL C 186 22.53 1.39 -27.78
N VAL C 187 23.56 2.03 -28.29
CA VAL C 187 23.59 3.48 -28.37
C VAL C 187 23.90 3.97 -29.81
N THR C 188 23.15 4.97 -30.25
CA THR C 188 23.43 5.68 -31.49
C THR C 188 24.15 6.95 -31.12
N VAL C 189 25.04 7.38 -32.00
CA VAL C 189 26.05 8.35 -31.64
C VAL C 189 26.65 8.95 -32.93
N PRO C 190 27.16 10.19 -32.88
CA PRO C 190 27.74 10.81 -34.07
C PRO C 190 28.95 10.07 -34.64
N SER C 191 28.83 9.68 -35.90
CA SER C 191 29.90 8.98 -36.61
C SER C 191 31.22 9.76 -36.55
N SER C 192 31.11 11.09 -36.59
CA SER C 192 32.22 12.02 -36.39
C SER C 192 32.55 12.04 -34.90
N SER C 193 33.35 11.09 -34.47
CA SER C 193 33.70 10.96 -33.05
C SER C 193 34.11 9.53 -32.73
N LEU C 194 33.91 8.66 -33.71
CA LEU C 194 34.17 7.25 -33.51
C LEU C 194 35.56 6.98 -32.95
N GLY C 195 36.58 7.38 -33.69
CA GLY C 195 37.95 7.13 -33.29
C GLY C 195 38.41 8.05 -32.16
N THR C 196 37.68 9.14 -31.96
CA THR C 196 38.10 10.22 -31.06
C THR C 196 37.53 10.13 -29.62
N GLN C 197 36.44 9.38 -29.45
CA GLN C 197 35.76 9.26 -28.16
C GLN C 197 35.57 7.82 -27.72
N THR C 198 35.78 7.59 -26.43
CA THR C 198 35.65 6.26 -25.84
C THR C 198 34.20 5.95 -25.49
N TYR C 199 33.77 4.73 -25.79
CA TYR C 199 32.45 4.24 -25.36
C TYR C 199 32.56 2.93 -24.56
N ILE C 200 32.09 2.98 -23.32
CA ILE C 200 32.20 1.82 -22.44
C ILE C 200 30.82 1.44 -21.88
N CYS C 201 30.46 0.16 -22.01
CA CYS C 201 29.25 -0.30 -21.38
C CYS C 201 29.58 -1.00 -20.06
N ASN C 202 28.77 -0.68 -19.05
CA ASN C 202 28.94 -1.18 -17.68
C ASN C 202 27.77 -2.09 -17.33
N VAL C 203 28.09 -3.35 -17.06
CA VAL C 203 27.08 -4.38 -16.84
C VAL C 203 27.20 -4.92 -15.40
N ASN C 204 26.10 -4.91 -14.65
CA ASN C 204 26.04 -5.54 -13.33
C ASN C 204 25.07 -6.71 -13.36
N HIS C 205 25.51 -7.86 -12.84
CA HIS C 205 24.62 -8.98 -12.57
C HIS C 205 24.76 -9.37 -11.09
N LYS C 206 24.05 -8.62 -10.23
CA LYS C 206 24.07 -8.82 -8.78
C LYS C 206 23.94 -10.29 -8.30
N PRO C 207 22.97 -11.05 -8.83
CA PRO C 207 22.89 -12.44 -8.35
C PRO C 207 24.17 -13.26 -8.44
N SER C 208 25.11 -12.88 -9.29
CA SER C 208 26.38 -13.59 -9.38
C SER C 208 27.55 -12.69 -8.96
N ASN C 209 27.21 -11.52 -8.42
CA ASN C 209 28.19 -10.50 -8.00
C ASN C 209 29.24 -10.20 -9.07
N THR C 210 28.73 -9.90 -10.27
CA THR C 210 29.51 -9.71 -11.48
C THR C 210 29.37 -8.29 -12.01
N LYS C 211 30.49 -7.57 -12.10
CA LYS C 211 30.56 -6.26 -12.75
C LYS C 211 31.55 -6.37 -13.92
N VAL C 212 31.15 -5.87 -15.07
CA VAL C 212 32.01 -5.90 -16.26
C VAL C 212 31.88 -4.59 -17.02
N ASP C 213 33.04 -4.02 -17.35
CA ASP C 213 33.12 -2.88 -18.25
C ASP C 213 33.76 -3.38 -19.54
N LYS C 214 33.32 -2.85 -20.67
CA LYS C 214 33.79 -3.32 -21.97
C LYS C 214 33.89 -2.14 -22.94
N ARG C 215 35.07 -1.92 -23.49
CA ARG C 215 35.27 -0.86 -24.47
C ARG C 215 34.74 -1.36 -25.81
N VAL C 216 33.88 -0.56 -26.43
CA VAL C 216 33.38 -0.88 -27.75
C VAL C 216 34.05 0.03 -28.77
N GLU C 217 34.92 -0.54 -29.61
CA GLU C 217 35.57 0.21 -30.68
C GLU C 217 35.39 -0.46 -32.05
N PRO C 218 35.49 0.31 -33.15
CA PRO C 218 35.22 -0.20 -34.51
C PRO C 218 36.23 -1.24 -35.03
N LYS C 219 36.00 -1.69 -36.27
CA LYS C 219 36.91 -2.57 -37.06
C LYS C 219 37.78 -3.57 -36.27
N GLU D 1 -13.50 -23.12 -18.51
CA GLU D 1 -13.94 -22.72 -19.89
C GLU D 1 -15.01 -21.58 -19.93
N LEU D 2 -14.94 -20.66 -18.95
CA LEU D 2 -15.66 -19.38 -19.00
C LEU D 2 -15.15 -18.43 -20.10
N GLN D 3 -13.82 -18.25 -20.22
CA GLN D 3 -13.24 -17.64 -21.43
C GLN D 3 -13.62 -16.16 -21.70
N MET D 4 -12.75 -15.24 -21.36
CA MET D 4 -12.97 -13.83 -21.69
C MET D 4 -12.16 -13.44 -22.91
N THR D 5 -12.76 -12.62 -23.75
CA THR D 5 -12.14 -12.24 -25.01
C THR D 5 -12.17 -10.75 -25.20
N GLN D 6 -10.99 -10.15 -25.30
CA GLN D 6 -10.89 -8.70 -25.46
C GLN D 6 -10.40 -8.30 -26.84
N SER D 7 -10.82 -7.12 -27.28
CA SER D 7 -10.76 -6.74 -28.68
C SER D 7 -10.88 -5.24 -28.85
N PRO D 8 -10.03 -4.63 -29.70
CA PRO D 8 -8.85 -5.17 -30.37
C PRO D 8 -7.73 -5.28 -29.35
N SER D 9 -6.69 -6.05 -29.64
CA SER D 9 -5.65 -6.26 -28.62
C SER D 9 -4.65 -5.11 -28.47
N SER D 10 -4.56 -4.25 -29.48
CA SER D 10 -3.80 -3.00 -29.41
C SER D 10 -4.55 -1.94 -30.20
N VAL D 11 -4.53 -0.70 -29.73
CA VAL D 11 -5.15 0.39 -30.48
C VAL D 11 -4.28 1.63 -30.38
N SER D 12 -3.77 2.08 -31.52
CA SER D 12 -3.06 3.34 -31.58
C SER D 12 -4.06 4.46 -31.68
N ALA D 13 -3.84 5.50 -30.89
CA ALA D 13 -4.65 6.71 -30.92
C ALA D 13 -3.87 7.90 -30.35
N SER D 14 -4.52 9.06 -30.26
CA SER D 14 -3.85 10.29 -29.88
C SER D 14 -4.58 10.98 -28.74
N VAL D 15 -3.84 11.85 -28.04
CA VAL D 15 -4.42 12.71 -27.02
C VAL D 15 -5.63 13.46 -27.60
N GLY D 16 -6.72 13.39 -26.86
CA GLY D 16 -7.93 14.05 -27.29
C GLY D 16 -8.84 13.12 -28.05
N ASP D 17 -8.31 12.00 -28.57
CA ASP D 17 -9.12 11.06 -29.36
C ASP D 17 -10.14 10.32 -28.49
N ARG D 18 -11.15 9.78 -29.15
CA ARG D 18 -12.16 8.97 -28.49
C ARG D 18 -11.89 7.51 -28.78
N VAL D 19 -11.70 6.74 -27.71
CA VAL D 19 -11.39 5.31 -27.86
C VAL D 19 -12.34 4.45 -27.04
N THR D 20 -12.73 3.34 -27.67
CA THR D 20 -13.75 2.48 -27.13
C THR D 20 -13.26 1.02 -27.27
N ILE D 21 -13.39 0.25 -26.19
CA ILE D 21 -12.71 -1.05 -26.02
C ILE D 21 -13.68 -2.18 -25.69
N THR D 22 -13.54 -3.31 -26.39
CA THR D 22 -14.48 -4.43 -26.29
C THR D 22 -14.00 -5.63 -25.46
N CYS D 23 -14.92 -6.19 -24.70
CA CYS D 23 -14.73 -7.41 -23.92
C CYS D 23 -15.98 -8.30 -24.03
N ARG D 24 -15.82 -9.53 -24.50
CA ARG D 24 -16.95 -10.46 -24.66
C ARG D 24 -16.77 -11.69 -23.76
N ALA D 25 -17.87 -12.10 -23.15
CA ALA D 25 -17.87 -13.32 -22.36
C ALA D 25 -18.57 -14.44 -23.12
N SER D 26 -17.96 -15.62 -23.15
CA SER D 26 -18.52 -16.76 -23.89
C SER D 26 -19.72 -17.44 -23.20
N GLN D 27 -20.13 -16.92 -22.04
CA GLN D 27 -21.39 -17.28 -21.38
C GLN D 27 -21.92 -16.02 -20.70
N GLY D 28 -23.16 -16.07 -20.22
CA GLY D 28 -23.83 -14.88 -19.70
C GLY D 28 -23.48 -14.48 -18.27
N ILE D 29 -22.44 -13.66 -18.13
CA ILE D 29 -22.00 -13.14 -16.83
C ILE D 29 -23.11 -12.36 -16.16
N SER D 30 -24.09 -11.93 -16.96
CA SER D 30 -25.06 -10.91 -16.56
C SER D 30 -24.36 -9.54 -16.54
N SER D 31 -23.84 -9.11 -15.39
CA SER D 31 -23.24 -7.78 -15.27
C SER D 31 -22.21 -7.67 -14.13
N TRP D 32 -21.42 -8.72 -13.94
CA TRP D 32 -20.38 -8.70 -12.91
C TRP D 32 -18.99 -8.54 -13.56
N LEU D 33 -18.78 -7.40 -14.21
CA LEU D 33 -17.56 -7.16 -14.96
C LEU D 33 -16.78 -5.94 -14.46
N ALA D 34 -15.47 -6.12 -14.27
CA ALA D 34 -14.59 -5.04 -13.82
C ALA D 34 -13.53 -4.66 -14.87
N TRP D 35 -13.02 -3.44 -14.76
CA TRP D 35 -12.02 -2.93 -15.68
C TRP D 35 -10.84 -2.45 -14.86
N TYR D 36 -9.66 -2.95 -15.21
CA TYR D 36 -8.44 -2.52 -14.58
C TYR D 36 -7.50 -1.93 -15.61
N GLN D 37 -6.75 -0.93 -15.18
CA GLN D 37 -5.70 -0.31 -15.95
C GLN D 37 -4.38 -0.70 -15.30
N GLN D 38 -3.41 -1.10 -16.11
CA GLN D 38 -2.09 -1.40 -15.62
C GLN D 38 -1.04 -0.69 -16.46
N LYS D 39 -0.07 -0.05 -15.81
CA LYS D 39 1.06 0.52 -16.53
C LYS D 39 2.29 -0.35 -16.38
N PRO D 40 3.19 -0.34 -17.39
CA PRO D 40 4.30 -1.30 -17.34
C PRO D 40 5.00 -1.27 -15.97
N GLY D 41 5.19 -2.45 -15.38
CA GLY D 41 5.97 -2.59 -14.14
C GLY D 41 5.31 -2.08 -12.88
N LYS D 42 3.98 -1.95 -12.92
CA LYS D 42 3.20 -1.48 -11.78
C LYS D 42 1.96 -2.31 -11.65
N ALA D 43 1.43 -2.37 -10.45
CA ALA D 43 0.21 -3.10 -10.18
C ALA D 43 -0.96 -2.47 -10.94
N PRO D 44 -1.96 -3.29 -11.32
CA PRO D 44 -3.20 -2.83 -11.90
C PRO D 44 -3.99 -1.96 -10.93
N LYS D 45 -4.92 -1.17 -11.48
CA LYS D 45 -5.75 -0.28 -10.68
C LYS D 45 -7.21 -0.48 -11.08
N LEU D 46 -8.11 -0.60 -10.11
CA LEU D 46 -9.54 -0.71 -10.41
C LEU D 46 -10.04 0.61 -10.95
N LEU D 47 -10.94 0.54 -11.92
CA LEU D 47 -11.54 1.71 -12.57
C LEU D 47 -13.06 1.63 -12.62
N ILE D 48 -13.57 0.48 -13.02
CA ILE D 48 -15.00 0.27 -13.18
C ILE D 48 -15.41 -1.05 -12.54
N TYR D 49 -16.56 -1.04 -11.87
CA TYR D 49 -17.24 -2.30 -11.56
C TYR D 49 -18.66 -2.36 -12.12
N ALA D 50 -19.44 -3.36 -11.70
CA ALA D 50 -20.76 -3.68 -12.26
C ALA D 50 -20.68 -3.82 -13.78
N ALA D 51 -20.71 -2.68 -14.46
CA ALA D 51 -20.26 -2.60 -15.85
C ALA D 51 -19.97 -1.15 -16.14
N SER D 52 -20.51 -0.29 -15.29
CA SER D 52 -20.60 1.14 -15.56
C SER D 52 -20.31 1.97 -14.32
N SER D 53 -20.34 1.33 -13.15
CA SER D 53 -20.04 2.01 -11.88
C SER D 53 -18.55 2.34 -11.73
N LEU D 54 -18.23 3.63 -11.84
CA LEU D 54 -16.88 4.13 -11.63
C LEU D 54 -16.36 3.90 -10.22
N GLN D 55 -15.06 3.63 -10.13
CA GLN D 55 -14.36 3.51 -8.87
C GLN D 55 -14.36 4.86 -8.18
N SER D 56 -14.05 4.85 -6.89
CA SER D 56 -14.10 6.02 -6.00
C SER D 56 -13.44 7.32 -6.53
N GLY D 57 -12.29 7.21 -7.19
CA GLY D 57 -11.60 8.43 -7.65
C GLY D 57 -11.27 8.58 -9.15
N VAL D 58 -12.10 8.00 -10.01
CA VAL D 58 -11.78 7.90 -11.45
C VAL D 58 -12.33 9.11 -12.25
N PRO D 59 -11.51 9.68 -13.17
CA PRO D 59 -11.99 10.77 -14.05
C PRO D 59 -13.27 10.44 -14.79
N SER D 60 -14.03 11.46 -15.17
CA SER D 60 -15.36 11.28 -15.77
C SER D 60 -15.33 10.90 -17.26
N ARG D 61 -14.16 10.98 -17.88
CA ARG D 61 -14.00 10.60 -19.29
C ARG D 61 -14.06 9.08 -19.53
N PHE D 62 -13.93 8.31 -18.45
CA PHE D 62 -14.09 6.86 -18.49
C PHE D 62 -15.55 6.49 -18.31
N SER D 63 -16.08 5.76 -19.28
CA SER D 63 -17.41 5.19 -19.16
C SER D 63 -17.31 3.72 -19.50
N GLY D 64 -18.30 2.95 -19.09
CA GLY D 64 -18.43 1.56 -19.50
C GLY D 64 -19.87 1.15 -19.48
N SER D 65 -20.24 0.20 -20.35
CA SER D 65 -21.61 -0.32 -20.43
C SER D 65 -21.61 -1.77 -20.96
N GLY D 66 -22.69 -2.50 -20.68
CA GLY D 66 -22.87 -3.82 -21.31
C GLY D 66 -23.69 -4.77 -20.48
N SER D 67 -24.27 -5.79 -21.12
CA SER D 67 -25.13 -6.73 -20.41
C SER D 67 -25.19 -8.14 -20.99
N GLY D 68 -25.11 -9.13 -20.10
CA GLY D 68 -25.08 -10.54 -20.46
C GLY D 68 -23.74 -10.97 -21.00
N THR D 69 -23.45 -10.55 -22.23
CA THR D 69 -22.32 -11.07 -22.97
C THR D 69 -21.39 -10.02 -23.55
N ASP D 70 -21.96 -8.94 -24.07
CA ASP D 70 -21.18 -7.90 -24.74
C ASP D 70 -20.89 -6.74 -23.80
N PHE D 71 -19.61 -6.36 -23.71
CA PHE D 71 -19.15 -5.29 -22.79
C PHE D 71 -18.17 -4.31 -23.44
N THR D 72 -18.21 -3.05 -22.99
CA THR D 72 -17.45 -1.96 -23.62
C THR D 72 -16.84 -1.01 -22.59
N LEU D 73 -15.70 -0.41 -22.96
CA LEU D 73 -15.07 0.67 -22.19
C LEU D 73 -14.65 1.80 -23.09
N THR D 74 -14.88 3.01 -22.61
CA THR D 74 -14.67 4.20 -23.42
C THR D 74 -13.94 5.22 -22.62
N ILE D 75 -12.93 5.80 -23.25
CA ILE D 75 -12.32 7.02 -22.78
C ILE D 75 -12.64 8.00 -23.92
N SER D 76 -13.48 9.00 -23.60
CA SER D 76 -14.01 9.94 -24.59
C SER D 76 -12.92 10.82 -25.17
N SER D 77 -12.03 11.28 -24.30
CA SER D 77 -10.93 12.13 -24.73
C SER D 77 -9.64 11.71 -24.03
N LEU D 78 -8.82 11.01 -24.78
CA LEU D 78 -7.57 10.44 -24.31
C LEU D 78 -6.63 11.46 -23.69
N GLN D 79 -6.22 11.25 -22.44
CA GLN D 79 -5.18 12.08 -21.79
C GLN D 79 -3.83 11.34 -21.74
N PRO D 80 -2.69 12.08 -21.79
CA PRO D 80 -1.36 11.46 -21.85
C PRO D 80 -1.15 10.32 -20.85
N GLU D 81 -1.82 10.38 -19.72
CA GLU D 81 -1.64 9.39 -18.65
C GLU D 81 -2.56 8.16 -18.78
N ASP D 82 -3.27 8.06 -19.91
CA ASP D 82 -4.26 7.00 -20.13
C ASP D 82 -3.72 5.87 -20.99
N PHE D 83 -2.53 6.08 -21.56
CA PHE D 83 -1.87 5.07 -22.34
C PHE D 83 -1.34 3.99 -21.41
N ALA D 84 -2.00 2.84 -21.45
CA ALA D 84 -1.82 1.78 -20.49
C ALA D 84 -2.39 0.52 -21.12
N THR D 85 -2.49 -0.56 -20.36
CA THR D 85 -3.16 -1.76 -20.82
C THR D 85 -4.41 -1.95 -19.98
N TYR D 86 -5.48 -2.45 -20.58
CA TYR D 86 -6.75 -2.50 -19.89
C TYR D 86 -7.28 -3.91 -19.85
N TYR D 87 -7.59 -4.36 -18.64
CA TYR D 87 -8.03 -5.72 -18.41
C TYR D 87 -9.47 -5.77 -17.95
N CYS D 88 -10.33 -6.54 -18.62
CA CYS D 88 -11.68 -6.79 -18.12
C CYS D 88 -11.69 -8.01 -17.19
N GLN D 89 -12.68 -8.11 -16.29
CA GLN D 89 -12.72 -9.22 -15.33
C GLN D 89 -14.10 -9.64 -14.83
N GLN D 90 -14.49 -10.83 -15.27
CA GLN D 90 -15.75 -11.49 -14.96
C GLN D 90 -15.80 -11.89 -13.48
N ALA D 91 -16.93 -11.66 -12.82
CA ALA D 91 -17.05 -11.91 -11.36
C ALA D 91 -18.28 -12.75 -10.97
N ASN D 92 -18.63 -13.69 -11.81
CA ASN D 92 -19.85 -14.44 -11.65
C ASN D 92 -19.55 -15.80 -11.06
N SER D 93 -18.87 -16.61 -11.86
CA SER D 93 -18.42 -17.92 -11.44
C SER D 93 -17.00 -17.84 -10.87
N PHE D 94 -16.70 -18.70 -9.90
CA PHE D 94 -15.31 -19.11 -9.69
C PHE D 94 -15.09 -20.24 -10.69
N PRO D 95 -13.86 -20.41 -11.20
CA PRO D 95 -12.72 -19.54 -11.03
C PRO D 95 -12.98 -18.19 -11.67
N LEU D 96 -12.39 -17.15 -11.10
CA LEU D 96 -12.40 -15.82 -11.71
C LEU D 96 -11.50 -15.79 -12.94
N THR D 97 -11.85 -14.92 -13.88
CA THR D 97 -11.19 -14.90 -15.17
C THR D 97 -11.01 -13.48 -15.61
N PHE D 98 -9.81 -13.18 -16.10
CA PHE D 98 -9.46 -11.90 -16.72
C PHE D 98 -9.51 -12.06 -18.22
N GLY D 99 -9.62 -10.93 -18.93
CA GLY D 99 -9.37 -10.89 -20.37
C GLY D 99 -7.88 -10.85 -20.68
N GLY D 100 -7.53 -11.06 -21.94
CA GLY D 100 -6.14 -11.02 -22.39
C GLY D 100 -5.63 -9.60 -22.52
N GLY D 101 -6.52 -8.63 -22.43
CA GLY D 101 -6.16 -7.21 -22.34
C GLY D 101 -6.05 -6.42 -23.64
N THR D 102 -6.40 -5.13 -23.58
CA THR D 102 -6.14 -4.19 -24.67
C THR D 102 -5.07 -3.16 -24.30
N LYS D 103 -4.05 -3.04 -25.15
CA LYS D 103 -3.07 -1.99 -25.02
C LYS D 103 -3.56 -0.74 -25.75
N VAL D 104 -3.42 0.40 -25.10
CA VAL D 104 -3.61 1.68 -25.76
C VAL D 104 -2.25 2.39 -25.90
N GLU D 105 -1.78 2.51 -27.14
CA GLU D 105 -0.45 3.01 -27.44
C GLU D 105 -0.62 4.38 -28.12
N ILE D 106 0.42 5.22 -28.11
CA ILE D 106 0.37 6.58 -28.68
C ILE D 106 0.63 6.61 -30.18
N LYS D 107 -0.25 7.27 -30.93
CA LYS D 107 -0.08 7.44 -32.38
C LYS D 107 0.78 8.67 -32.82
N ARG D 108 1.56 8.48 -33.86
CA ARG D 108 2.37 9.52 -34.45
C ARG D 108 2.58 9.26 -35.96
N THR D 109 3.35 10.11 -36.62
CA THR D 109 3.57 9.96 -38.07
C THR D 109 4.49 8.77 -38.31
N VAL D 110 4.28 8.07 -39.44
CA VAL D 110 5.13 6.94 -39.81
C VAL D 110 6.59 7.37 -39.73
N ALA D 111 7.44 6.52 -39.17
CA ALA D 111 8.89 6.78 -39.15
C ALA D 111 9.65 5.51 -39.54
N ALA D 112 10.54 5.65 -40.50
CA ALA D 112 11.24 4.51 -41.05
C ALA D 112 12.32 4.07 -40.07
N PRO D 113 12.50 2.73 -39.92
CA PRO D 113 13.58 2.25 -39.09
C PRO D 113 14.92 2.60 -39.74
N SER D 114 15.93 2.91 -38.94
CA SER D 114 17.29 2.94 -39.45
C SER D 114 17.78 1.55 -39.10
N VAL D 115 18.40 0.86 -40.06
CA VAL D 115 18.71 -0.56 -39.89
C VAL D 115 20.22 -0.76 -39.79
N PHE D 116 20.67 -1.70 -38.96
CA PHE D 116 22.11 -1.99 -38.79
C PHE D 116 22.39 -3.48 -38.58
N ILE D 117 23.54 -3.94 -39.07
CA ILE D 117 23.90 -5.33 -38.84
C ILE D 117 25.24 -5.36 -38.12
N PHE D 118 25.40 -6.35 -37.25
CA PHE D 118 26.59 -6.50 -36.44
C PHE D 118 27.03 -7.96 -36.52
N PRO D 119 28.12 -8.23 -37.25
CA PRO D 119 28.66 -9.59 -37.19
C PRO D 119 29.06 -9.94 -35.76
N PRO D 120 29.17 -11.24 -35.44
CA PRO D 120 29.68 -11.59 -34.12
C PRO D 120 31.10 -11.11 -33.93
N SER D 121 31.46 -10.91 -32.67
CA SER D 121 32.82 -10.55 -32.26
C SER D 121 33.76 -11.74 -32.34
N ASP D 122 35.05 -11.47 -32.50
CA ASP D 122 36.08 -12.50 -32.37
C ASP D 122 36.06 -13.15 -30.99
N GLU D 123 35.94 -12.32 -29.95
CA GLU D 123 35.83 -12.83 -28.59
C GLU D 123 34.74 -13.91 -28.52
N GLN D 124 33.53 -13.61 -29.05
CA GLN D 124 32.42 -14.58 -29.01
C GLN D 124 32.72 -15.83 -29.82
N LEU D 125 33.43 -15.63 -30.92
CA LEU D 125 33.77 -16.75 -31.80
C LEU D 125 34.74 -17.73 -31.14
N LYS D 126 35.56 -17.22 -30.21
CA LYS D 126 36.50 -18.05 -29.49
C LYS D 126 35.77 -19.03 -28.57
N SER D 127 34.63 -18.60 -28.00
CA SER D 127 33.79 -19.47 -27.16
C SER D 127 33.08 -20.57 -27.95
N GLY D 128 33.04 -20.42 -29.28
CA GLY D 128 32.36 -21.39 -30.16
C GLY D 128 30.91 -21.11 -30.56
N THR D 129 30.43 -19.87 -30.36
CA THR D 129 29.08 -19.51 -30.78
C THR D 129 29.09 -18.18 -31.53
N ALA D 130 28.23 -18.04 -32.52
CA ALA D 130 28.15 -16.80 -33.26
C ALA D 130 26.75 -16.22 -33.20
N SER D 131 26.66 -15.00 -32.69
CA SER D 131 25.42 -14.26 -32.69
C SER D 131 25.54 -13.14 -33.70
N VAL D 132 24.49 -12.93 -34.48
CA VAL D 132 24.48 -11.83 -35.45
C VAL D 132 23.32 -10.94 -35.09
N VAL D 133 23.55 -9.63 -35.04
CA VAL D 133 22.52 -8.74 -34.57
C VAL D 133 22.14 -7.75 -35.63
N CYS D 134 20.84 -7.59 -35.78
CA CYS D 134 20.25 -6.73 -36.75
C CYS D 134 19.39 -5.84 -35.90
N LEU D 135 19.65 -4.54 -36.00
CA LEU D 135 19.06 -3.55 -35.12
C LEU D 135 18.21 -2.60 -35.95
N LEU D 136 16.98 -2.42 -35.50
CA LEU D 136 16.06 -1.50 -36.10
C LEU D 136 15.83 -0.33 -35.14
N ASN D 137 16.38 0.83 -35.50
CA ASN D 137 16.32 1.98 -34.61
C ASN D 137 15.27 3.04 -34.92
N ASN D 138 14.53 3.42 -33.88
CA ASN D 138 13.53 4.48 -33.87
C ASN D 138 12.57 4.54 -35.07
N PHE D 139 11.52 3.70 -35.01
CA PHE D 139 10.53 3.63 -36.06
C PHE D 139 9.12 3.68 -35.50
N TYR D 140 8.15 3.85 -36.39
CA TYR D 140 6.76 3.76 -36.05
C TYR D 140 6.00 3.45 -37.32
N PRO D 141 5.01 2.53 -37.26
CA PRO D 141 4.59 1.73 -36.10
C PRO D 141 5.53 0.60 -35.68
N ARG D 142 5.11 -0.16 -34.66
CA ARG D 142 5.89 -1.28 -34.07
C ARG D 142 6.10 -2.47 -35.00
N GLU D 143 5.38 -2.51 -36.12
CA GLU D 143 5.28 -3.73 -36.92
C GLU D 143 6.22 -3.81 -38.14
N ALA D 144 6.78 -5.01 -38.30
CA ALA D 144 7.96 -5.38 -39.08
C ALA D 144 8.35 -6.71 -38.43
N LYS D 145 8.97 -7.68 -39.10
CA LYS D 145 9.28 -7.86 -40.53
C LYS D 145 10.76 -7.91 -40.84
N VAL D 146 11.44 -8.75 -40.07
CA VAL D 146 12.86 -9.00 -40.21
C VAL D 146 13.00 -10.42 -40.71
N GLN D 147 13.73 -10.60 -41.80
CA GLN D 147 13.99 -11.93 -42.30
C GLN D 147 15.47 -12.10 -42.37
N TRP D 148 15.97 -13.24 -41.92
CA TRP D 148 17.38 -13.53 -42.07
C TRP D 148 17.59 -14.34 -43.33
N LYS D 149 18.73 -14.13 -43.97
CA LYS D 149 19.11 -14.76 -45.21
C LYS D 149 20.56 -15.19 -45.11
N VAL D 150 20.80 -16.49 -45.07
CA VAL D 150 22.15 -16.98 -44.96
C VAL D 150 22.53 -17.66 -46.25
N ASP D 151 23.49 -17.04 -46.95
CA ASP D 151 23.82 -17.42 -48.33
C ASP D 151 22.53 -17.42 -49.15
N ASN D 152 21.87 -16.27 -49.16
CA ASN D 152 20.71 -16.02 -50.02
C ASN D 152 19.48 -16.83 -49.58
N ALA D 153 19.71 -17.81 -48.71
CA ALA D 153 18.69 -18.75 -48.21
C ALA D 153 17.97 -18.32 -46.92
N LEU D 154 16.66 -18.16 -47.03
CA LEU D 154 15.78 -17.82 -45.91
C LEU D 154 15.96 -18.71 -44.68
N GLN D 155 15.91 -18.11 -43.50
CA GLN D 155 16.09 -18.81 -42.22
C GLN D 155 14.81 -18.84 -41.37
N SER D 156 14.72 -19.82 -40.48
CA SER D 156 13.62 -19.89 -39.51
C SER D 156 13.99 -20.61 -38.21
N GLY D 157 13.21 -20.34 -37.15
CA GLY D 157 13.36 -20.97 -35.82
C GLY D 157 14.76 -20.83 -35.29
N ASN D 158 15.42 -19.76 -35.70
CA ASN D 158 16.85 -19.68 -35.56
C ASN D 158 17.28 -18.47 -34.73
N SER D 159 16.29 -17.65 -34.35
CA SER D 159 16.49 -16.25 -34.04
C SER D 159 15.33 -15.66 -33.24
N GLN D 160 15.66 -14.81 -32.27
CA GLN D 160 14.66 -14.20 -31.42
C GLN D 160 14.65 -12.68 -31.58
N GLU D 161 13.47 -12.07 -31.51
CA GLU D 161 13.30 -10.62 -31.57
C GLU D 161 13.06 -10.10 -30.17
N SER D 162 13.17 -8.78 -30.03
CA SER D 162 12.90 -8.06 -28.79
C SER D 162 12.65 -6.61 -29.15
N VAL D 163 11.70 -5.99 -28.48
CA VAL D 163 11.25 -4.65 -28.85
C VAL D 163 11.13 -3.79 -27.60
N THR D 164 11.59 -2.55 -27.67
CA THR D 164 11.44 -1.57 -26.56
C THR D 164 10.01 -1.04 -26.45
N GLU D 165 9.73 -0.38 -25.34
CA GLU D 165 8.48 0.32 -25.16
C GLU D 165 8.61 1.66 -25.85
N GLN D 166 7.47 2.24 -26.23
CA GLN D 166 7.46 3.56 -26.87
C GLN D 166 8.34 4.58 -26.18
N ASP D 167 9.23 5.22 -26.95
CA ASP D 167 10.09 6.23 -26.41
C ASP D 167 9.25 7.41 -25.89
N SER D 168 9.52 7.82 -24.66
CA SER D 168 8.70 8.86 -24.03
C SER D 168 8.86 10.24 -24.67
N LYS D 169 9.97 10.43 -25.37
CA LYS D 169 10.20 11.67 -26.07
C LYS D 169 9.56 11.69 -27.48
N ASP D 170 9.88 10.73 -28.33
CA ASP D 170 9.38 10.76 -29.72
C ASP D 170 8.37 9.66 -30.11
N SER D 171 7.94 8.85 -29.14
CA SER D 171 6.89 7.82 -29.31
C SER D 171 7.28 6.67 -30.24
N THR D 172 8.55 6.66 -30.60
CA THR D 172 9.16 5.70 -31.50
C THR D 172 9.36 4.30 -30.83
N TYR D 173 9.79 3.30 -31.61
CA TYR D 173 10.10 1.97 -31.09
C TYR D 173 11.47 1.63 -31.59
N SER D 174 12.09 0.63 -30.99
CA SER D 174 13.33 0.08 -31.50
C SER D 174 13.28 -1.42 -31.33
N LEU D 175 13.91 -2.14 -32.25
CA LEU D 175 13.81 -3.58 -32.26
C LEU D 175 15.16 -4.18 -32.56
N SER D 176 15.50 -5.22 -31.80
CA SER D 176 16.66 -6.04 -32.13
C SER D 176 16.15 -7.39 -32.61
N SER D 177 16.87 -7.98 -33.58
CA SER D 177 16.70 -9.37 -34.00
C SER D 177 18.05 -10.07 -33.99
N THR D 178 18.10 -11.23 -33.32
CA THR D 178 19.38 -11.87 -33.03
C THR D 178 19.39 -13.31 -33.57
N LEU D 179 20.30 -13.60 -34.49
CA LEU D 179 20.47 -14.96 -35.04
C LEU D 179 21.66 -15.64 -34.40
N THR D 180 21.41 -16.80 -33.81
CA THR D 180 22.41 -17.53 -33.04
C THR D 180 22.74 -18.83 -33.76
N LEU D 181 24.04 -19.07 -33.94
CA LEU D 181 24.50 -20.29 -34.58
C LEU D 181 25.75 -20.84 -33.89
N SER D 182 25.96 -22.15 -33.99
CA SER D 182 27.24 -22.75 -33.59
C SER D 182 28.39 -22.23 -34.45
N LYS D 183 29.61 -22.18 -33.91
CA LYS D 183 30.76 -21.73 -34.72
C LYS D 183 30.94 -22.60 -35.97
N ALA D 184 30.79 -23.91 -35.81
CA ALA D 184 30.86 -24.86 -36.92
C ALA D 184 29.95 -24.45 -38.08
N ASP D 185 28.68 -24.20 -37.77
CA ASP D 185 27.63 -23.84 -38.77
C ASP D 185 27.78 -22.41 -39.29
N TYR D 186 28.18 -21.49 -38.43
CA TYR D 186 28.44 -20.12 -38.85
C TYR D 186 29.53 -20.16 -39.93
N GLU D 187 30.54 -21.00 -39.71
CA GLU D 187 31.69 -21.09 -40.60
C GLU D 187 31.42 -21.84 -41.91
N LYS D 188 30.28 -22.52 -41.96
CA LYS D 188 29.80 -23.26 -43.15
C LYS D 188 29.21 -22.33 -44.24
N HIS D 189 29.08 -21.04 -43.93
CA HIS D 189 28.40 -20.11 -44.83
C HIS D 189 29.21 -18.86 -45.17
N LYS D 190 28.61 -17.93 -45.90
CA LYS D 190 29.36 -16.82 -46.44
C LYS D 190 28.67 -15.48 -46.24
N VAL D 191 27.42 -15.40 -46.67
CA VAL D 191 26.66 -14.15 -46.65
C VAL D 191 25.64 -14.21 -45.54
N TYR D 192 25.54 -13.10 -44.80
CA TYR D 192 24.59 -12.94 -43.72
C TYR D 192 23.88 -11.62 -43.87
N ALA D 193 22.59 -11.68 -44.14
CA ALA D 193 21.83 -10.46 -44.37
C ALA D 193 20.53 -10.55 -43.59
N CYS D 194 20.00 -9.39 -43.17
CA CYS D 194 18.63 -9.31 -42.67
C CYS D 194 17.95 -8.29 -43.56
N GLU D 195 16.71 -8.57 -43.92
CA GLU D 195 15.95 -7.63 -44.71
C GLU D 195 14.70 -7.19 -43.97
N VAL D 196 14.48 -5.89 -44.00
CA VAL D 196 13.49 -5.26 -43.17
C VAL D 196 12.40 -4.74 -44.08
N THR D 197 11.17 -5.15 -43.85
CA THR D 197 10.04 -4.59 -44.53
C THR D 197 9.30 -3.80 -43.48
N HIS D 198 8.98 -2.55 -43.79
CA HIS D 198 8.27 -1.68 -42.85
C HIS D 198 7.50 -0.65 -43.63
N GLN D 199 6.37 -0.19 -43.10
CA GLN D 199 5.56 0.81 -43.80
C GLN D 199 6.34 2.04 -44.28
N GLY D 200 7.33 2.48 -43.50
CA GLY D 200 8.10 3.69 -43.83
C GLY D 200 9.12 3.62 -44.94
N LEU D 201 9.48 2.42 -45.38
CA LEU D 201 10.40 2.24 -46.49
C LEU D 201 9.61 1.79 -47.73
N SER D 202 10.03 2.26 -48.90
CA SER D 202 9.39 1.89 -50.17
C SER D 202 9.43 0.39 -50.41
N SER D 203 10.64 -0.16 -50.47
CA SER D 203 10.86 -1.60 -50.63
C SER D 203 11.66 -2.10 -49.41
N PRO D 204 11.78 -3.42 -49.20
CA PRO D 204 12.65 -3.89 -48.13
C PRO D 204 14.08 -3.29 -48.13
N VAL D 205 14.63 -3.04 -46.93
CA VAL D 205 16.04 -2.65 -46.82
C VAL D 205 16.79 -3.92 -46.47
N THR D 206 17.95 -4.12 -47.11
CA THR D 206 18.82 -5.26 -46.82
C THR D 206 20.19 -4.80 -46.34
N LYS D 207 20.58 -5.23 -45.15
CA LYS D 207 21.93 -5.02 -44.65
C LYS D 207 22.65 -6.34 -44.72
N SER D 208 23.95 -6.30 -44.95
CA SER D 208 24.67 -7.56 -45.13
C SER D 208 26.15 -7.43 -44.92
N PHE D 209 26.80 -8.57 -44.75
CA PHE D 209 28.24 -8.64 -44.64
C PHE D 209 28.69 -10.03 -45.11
N ASN D 210 29.91 -10.08 -45.61
CA ASN D 210 30.58 -11.34 -45.86
C ASN D 210 31.55 -11.67 -44.73
N ARG D 211 31.40 -12.88 -44.22
CA ARG D 211 32.26 -13.40 -43.17
C ARG D 211 33.73 -13.39 -43.61
N GLY D 212 34.56 -12.57 -42.96
CA GLY D 212 35.97 -12.35 -43.39
C GLY D 212 36.17 -11.18 -44.34
#